data_1RRH
#
_entry.id   1RRH
#
_cell.length_a   112.709
_cell.length_b   137.211
_cell.length_c   61.792
_cell.angle_alpha   90.00
_cell.angle_beta   95.51
_cell.angle_gamma   90.00
#
_symmetry.space_group_name_H-M   'C 1 2 1'
#
loop_
_entity.id
_entity.type
_entity.pdbx_description
1 polymer 'Seed lipoxygenase-3'
2 non-polymer 'FE (II) ION'
3 water water
#
_entity_poly.entity_id   1
_entity_poly.type   'polypeptide(L)'
_entity_poly.pdbx_seq_one_letter_code
;MLGGLLHRGHKIKGTVVLMRKNVLDVNSVTSVGGIIGQGLDLVGSTLDTLTAFLGRSVSLQLISATKADANGKGKLGKAT
FLEGIITSLPTLGAGQSAFKINFEWDDGSGIPGAFYIKNFMQTEFFLVSLTLEDIPNHGSIHFVCNSWIYNAKLFKSDRI
FFANQTYLPSETPAPLVKYREEELHNLRGDGTGERKEWERIYDYDVYNDLGDPDKGENHARPVLGGNDTFPYPRRGRTGR
KPTRKDPNSESRSNDVYLPRDEAFGHLKSSDFLTYGLKSVSQNVLPLLQSAFDLNFTPREFDSFDEVHGLYSGGIKLPTD
IISKISPLPVLKEIFRTDGEQALKFPPPKVIQVSKSAWMTDEEFAREMLAGVNPNLIRCLKDFPPRSKLDSQVYGDHTSQ
ITKEHLEPNLEGLTVDEAIQNKRLFLLDHHDPIMPYLRRINATSTKAYATRTILFLKNDGTLRPLAIELSLPHPQGDQSG
AFSQVFLPADEGVESSIWLLAKAYVVVNDSCYHQLVSHWLNTHAVVEPFIIATNRHLSVVHPIYKLLHPHYRDTMNINGL
ARLSLVNDGGVIEQTFLWGRYSVEMSAVVYKDWVFTDQALPADLIKRGMAIEDPSCPHGIRLVIEDYPYTVDGLEIWDAI
KTWVHEYVFLYYKSDDTLREDPELQACWKELVEVGHGDKKNEPWWPKMQTREELVEACAIIIWTASALHAAVNFGQYPYG
GLILNRPTLSRRFMPEKGSAEYEELRKNPQKAYLKTITPKFQTLIDLSVIEILSRHASDEVYLGERDNPNWTSDTRALEA
FKRFGNKLAQIENKLSERNNDEKLRNRCGPVQMPYTLLLPSSKEGLTFRGIPNSISI
;
_entity_poly.pdbx_strand_id   A
#
loop_
_chem_comp.id
_chem_comp.type
_chem_comp.name
_chem_comp.formula
FE2 non-polymer 'FE (II) ION' 'Fe 2'
#
# COMPACT_ATOMS: atom_id res chain seq x y z
N ARG A 8 -42.11 -34.43 6.08
CA ARG A 8 -43.03 -33.25 6.23
C ARG A 8 -42.50 -32.05 5.43
N GLY A 9 -43.40 -31.34 4.76
CA GLY A 9 -43.06 -30.10 4.05
C GLY A 9 -42.81 -28.96 5.04
N HIS A 10 -41.66 -28.31 4.93
CA HIS A 10 -41.27 -27.40 5.99
C HIS A 10 -40.76 -26.09 5.43
N LYS A 11 -40.89 -25.03 6.21
CA LYS A 11 -40.32 -23.75 5.82
C LYS A 11 -38.96 -23.58 6.46
N ILE A 12 -37.96 -23.22 5.67
CA ILE A 12 -36.63 -22.89 6.16
C ILE A 12 -36.70 -21.42 6.51
N LYS A 13 -36.25 -21.04 7.71
CA LYS A 13 -36.34 -19.64 8.10
C LYS A 13 -35.08 -18.87 7.77
N GLY A 14 -35.20 -17.88 6.90
CA GLY A 14 -34.03 -17.10 6.50
C GLY A 14 -33.99 -15.72 7.12
N THR A 15 -32.81 -15.23 7.47
CA THR A 15 -32.64 -13.80 7.69
C THR A 15 -31.54 -13.20 6.85
N VAL A 16 -31.95 -12.20 6.11
CA VAL A 16 -31.08 -11.49 5.19
C VAL A 16 -30.62 -10.23 5.89
N VAL A 17 -29.32 -9.99 5.90
CA VAL A 17 -28.88 -8.70 6.43
C VAL A 17 -28.37 -7.89 5.24
N LEU A 18 -28.86 -6.67 5.07
CA LEU A 18 -28.28 -5.84 4.01
C LEU A 18 -28.05 -4.40 4.48
N MET A 19 -27.41 -3.62 3.63
CA MET A 19 -27.12 -2.23 3.93
C MET A 19 -27.54 -1.43 2.71
N ARG A 20 -28.39 -0.44 2.89
CA ARG A 20 -28.79 0.35 1.74
C ARG A 20 -27.70 1.27 1.24
N LYS A 21 -27.79 1.59 -0.06
CA LYS A 21 -26.78 2.40 -0.75
C LYS A 21 -26.43 3.68 0.01
N ASN A 22 -27.48 4.36 0.45
CA ASN A 22 -27.45 5.65 1.15
C ASN A 22 -26.53 5.73 2.37
N VAL A 23 -26.33 4.59 3.00
CA VAL A 23 -25.61 4.49 4.24
C VAL A 23 -24.10 4.24 4.01
N LEU A 24 -23.74 3.84 2.79
CA LEU A 24 -22.36 3.53 2.42
C LEU A 24 -21.76 4.46 1.33
N ASP A 25 -22.61 5.24 0.68
CA ASP A 25 -22.21 6.10 -0.46
C ASP A 25 -21.66 7.43 -0.02
N VAL A 26 -20.52 7.81 -0.61
CA VAL A 26 -19.87 9.09 -0.31
C VAL A 26 -20.76 10.34 -0.41
N ASN A 27 -21.58 10.44 -1.47
CA ASN A 27 -22.38 11.64 -1.72
C ASN A 27 -23.51 11.82 -0.72
N SER A 28 -24.04 10.70 -0.22
CA SER A 28 -25.12 10.83 0.75
C SER A 28 -24.57 10.92 2.16
N VAL A 29 -23.43 10.28 2.43
CA VAL A 29 -22.91 10.35 3.80
C VAL A 29 -22.16 11.66 4.12
N THR A 30 -21.76 12.41 3.10
CA THR A 30 -21.19 13.75 3.35
C THR A 30 -22.19 14.81 3.84
N SER A 31 -22.18 14.98 5.16
CA SER A 31 -22.59 16.19 5.84
C SER A 31 -21.22 16.60 6.37
N VAL A 32 -21.02 16.52 7.69
CA VAL A 32 -19.66 16.40 8.23
C VAL A 32 -19.64 15.20 9.20
N GLY A 33 -18.58 14.40 9.15
CA GLY A 33 -18.50 13.14 9.89
C GLY A 33 -17.68 13.01 11.16
N GLY A 34 -18.35 12.62 12.24
CA GLY A 34 -17.73 12.52 13.56
C GLY A 34 -17.95 11.21 14.34
N ILE A 35 -19.20 10.83 14.59
CA ILE A 35 -19.50 9.55 15.29
C ILE A 35 -20.11 8.47 14.38
N ILE A 36 -19.52 7.27 14.44
CA ILE A 36 -19.99 6.12 13.66
C ILE A 36 -19.58 4.75 14.26
N GLY A 37 -20.38 3.74 13.94
CA GLY A 37 -20.39 2.46 14.61
C GLY A 37 -21.60 2.56 15.51
N GLN A 38 -22.10 3.79 15.62
CA GLN A 38 -23.11 4.19 16.59
C GLN A 38 -24.41 4.59 15.92
N GLY A 39 -25.21 5.36 16.66
CA GLY A 39 -26.58 5.68 16.30
C GLY A 39 -27.39 4.56 16.91
N LEU A 40 -28.72 4.55 16.70
CA LEU A 40 -29.53 3.41 17.17
C LEU A 40 -29.23 2.16 16.32
N ASP A 41 -27.96 1.71 16.44
CA ASP A 41 -27.17 0.97 15.42
C ASP A 41 -27.92 0.70 14.17
N LEU A 42 -28.07 1.79 13.39
CA LEU A 42 -29.19 2.04 12.49
C LEU A 42 -29.97 0.78 12.16
N VAL A 43 -30.93 0.46 13.05
CA VAL A 43 -31.61 -0.84 13.14
C VAL A 43 -32.46 -1.22 11.94
N GLY A 44 -32.13 -0.68 10.78
CA GLY A 44 -32.98 -0.79 9.62
C GLY A 44 -34.32 -0.12 9.80
N SER A 45 -35.28 -0.87 10.39
CA SER A 45 -36.73 -0.58 10.41
C SER A 45 -37.17 0.89 10.41
N THR A 46 -36.61 1.65 11.36
CA THR A 46 -36.89 3.07 11.56
C THR A 46 -36.39 3.94 10.38
N LEU A 47 -37.25 4.88 9.98
CA LEU A 47 -37.20 5.61 8.69
C LEU A 47 -37.49 4.61 7.60
N ASP A 48 -38.76 4.53 7.22
CA ASP A 48 -39.23 3.45 6.37
C ASP A 48 -39.02 3.61 4.88
N THR A 49 -37.75 3.58 4.48
CA THR A 49 -37.46 3.23 3.10
C THR A 49 -37.42 1.70 3.06
N LEU A 50 -37.64 1.04 4.21
CA LEU A 50 -37.39 -0.39 4.37
C LEU A 50 -38.51 -1.22 3.78
N THR A 51 -39.68 -0.60 3.81
CA THR A 51 -40.90 -1.11 3.25
C THR A 51 -40.82 -1.28 1.71
N ALA A 52 -40.05 -0.43 1.03
CA ALA A 52 -39.73 -0.60 -0.41
C ALA A 52 -39.14 -1.95 -0.79
N PHE A 53 -38.43 -2.58 0.14
CA PHE A 53 -37.77 -3.85 -0.15
C PHE A 53 -38.72 -5.03 -0.05
N LEU A 54 -39.96 -4.78 0.35
CA LEU A 54 -40.88 -5.81 0.80
C LEU A 54 -42.01 -6.18 -0.13
N GLY A 55 -41.83 -6.19 -1.43
CA GLY A 55 -43.03 -6.55 -2.19
C GLY A 55 -42.69 -7.57 -3.23
N ARG A 56 -42.56 -7.09 -4.46
CA ARG A 56 -42.00 -7.88 -5.54
C ARG A 56 -40.66 -7.26 -5.93
N SER A 57 -39.84 -6.98 -4.91
CA SER A 57 -38.60 -6.22 -5.06
C SER A 57 -37.32 -7.02 -5.14
N VAL A 58 -37.20 -8.05 -4.30
CA VAL A 58 -35.94 -8.76 -4.12
C VAL A 58 -36.31 -10.23 -3.98
N SER A 59 -35.71 -11.10 -4.78
CA SER A 59 -36.09 -12.50 -4.69
C SER A 59 -34.86 -13.32 -4.44
N LEU A 60 -35.00 -14.38 -3.66
CA LEU A 60 -33.91 -15.30 -3.37
C LEU A 60 -34.34 -16.72 -3.76
N GLN A 61 -33.41 -17.50 -4.28
CA GLN A 61 -33.78 -18.84 -4.73
C GLN A 61 -32.70 -19.79 -4.25
N LEU A 62 -33.07 -20.77 -3.43
CA LEU A 62 -32.09 -21.68 -2.85
C LEU A 62 -31.61 -22.75 -3.86
N ILE A 63 -30.36 -23.16 -3.73
CA ILE A 63 -29.77 -24.15 -4.62
C ILE A 63 -29.28 -25.29 -3.76
N SER A 64 -29.79 -26.50 -4.03
CA SER A 64 -29.40 -27.65 -3.23
C SER A 64 -27.97 -28.10 -3.49
N ALA A 65 -27.24 -28.38 -2.42
CA ALA A 65 -25.90 -28.91 -2.48
C ALA A 65 -25.89 -30.44 -2.60
N THR A 66 -26.93 -31.11 -2.11
CA THR A 66 -26.88 -32.58 -2.06
C THR A 66 -27.82 -33.30 -3.02
N LYS A 67 -28.59 -32.55 -3.81
CA LYS A 67 -29.55 -33.14 -4.74
C LYS A 67 -29.57 -32.46 -6.13
N ALA A 68 -29.42 -33.25 -7.19
CA ALA A 68 -29.25 -32.71 -8.55
C ALA A 68 -30.43 -32.90 -9.48
N ASP A 69 -30.43 -32.16 -10.58
CA ASP A 69 -31.40 -32.40 -11.64
C ASP A 69 -30.86 -33.52 -12.53
N ALA A 70 -31.55 -33.78 -13.64
CA ALA A 70 -31.14 -34.81 -14.59
C ALA A 70 -29.74 -34.55 -15.16
N ASN A 71 -29.39 -33.29 -15.37
CA ASN A 71 -28.06 -32.95 -15.88
C ASN A 71 -26.99 -32.58 -14.84
N GLY A 72 -27.18 -33.02 -13.61
CA GLY A 72 -26.14 -32.91 -12.60
C GLY A 72 -26.01 -31.63 -11.77
N LYS A 73 -26.79 -30.59 -12.07
CA LYS A 73 -26.72 -29.33 -11.32
C LYS A 73 -27.69 -29.39 -10.18
N GLY A 74 -27.28 -28.87 -9.02
CA GLY A 74 -28.15 -28.70 -7.87
C GLY A 74 -29.52 -28.16 -8.14
N LYS A 75 -30.50 -28.86 -7.58
CA LYS A 75 -31.91 -28.51 -7.64
C LYS A 75 -32.24 -27.11 -7.10
N LEU A 76 -33.00 -26.36 -7.90
CA LEU A 76 -33.49 -25.04 -7.54
C LEU A 76 -34.81 -25.12 -6.79
N GLY A 77 -34.92 -24.32 -5.74
CA GLY A 77 -36.20 -24.14 -5.07
C GLY A 77 -36.99 -23.05 -5.79
N LYS A 78 -38.06 -22.58 -5.17
CA LYS A 78 -38.91 -21.57 -5.79
C LYS A 78 -38.36 -20.21 -5.49
N ALA A 79 -38.30 -19.32 -6.49
CA ALA A 79 -37.94 -17.93 -6.23
C ALA A 79 -38.94 -17.32 -5.24
N THR A 80 -38.38 -16.80 -4.13
CA THR A 80 -39.16 -16.35 -2.99
C THR A 80 -38.81 -14.90 -2.64
N PHE A 81 -39.79 -14.09 -2.30
CA PHE A 81 -39.56 -12.67 -2.07
C PHE A 81 -39.42 -12.30 -0.59
N LEU A 82 -38.78 -11.16 -0.30
CA LEU A 82 -38.61 -10.68 1.08
C LEU A 82 -39.97 -10.46 1.75
N GLU A 83 -40.17 -11.09 2.89
CA GLU A 83 -41.48 -11.13 3.52
C GLU A 83 -41.74 -10.05 4.55
N GLY A 84 -40.75 -9.75 5.35
CA GLY A 84 -41.00 -8.87 6.49
C GLY A 84 -39.72 -8.29 7.06
N ILE A 85 -39.85 -7.19 7.81
CA ILE A 85 -38.72 -6.51 8.42
C ILE A 85 -38.48 -7.03 9.82
N ILE A 86 -37.22 -7.39 10.10
CA ILE A 86 -36.79 -7.63 11.47
C ILE A 86 -36.21 -6.36 12.02
N THR A 87 -36.82 -5.90 13.09
CA THR A 87 -36.51 -4.64 13.71
C THR A 87 -35.19 -4.66 14.53
N SER A 88 -34.89 -5.76 15.20
CA SER A 88 -33.74 -5.80 16.06
C SER A 88 -33.22 -7.22 16.09
N LEU A 89 -31.90 -7.34 16.17
CA LEU A 89 -31.22 -8.59 16.38
C LEU A 89 -30.04 -8.26 17.30
N PRO A 90 -29.63 -9.18 18.17
CA PRO A 90 -28.47 -8.95 19.06
C PRO A 90 -27.19 -8.61 18.34
N THR A 91 -26.97 -9.11 17.12
CA THR A 91 -25.77 -8.79 16.38
C THR A 91 -25.94 -7.81 15.22
N LEU A 92 -27.09 -7.14 15.15
CA LEU A 92 -27.33 -6.18 14.09
C LEU A 92 -26.48 -4.93 14.30
N GLY A 93 -25.68 -4.61 13.30
CA GLY A 93 -24.78 -3.48 13.33
C GLY A 93 -25.30 -2.13 12.84
N ALA A 94 -24.45 -1.12 12.99
CA ALA A 94 -24.71 0.25 12.51
C ALA A 94 -24.94 0.20 11.00
N GLY A 95 -26.06 0.74 10.56
CA GLY A 95 -26.38 0.84 9.15
C GLY A 95 -26.96 -0.40 8.49
N GLN A 96 -27.05 -1.49 9.24
CA GLN A 96 -27.56 -2.75 8.71
C GLN A 96 -29.07 -2.88 8.87
N SER A 97 -29.72 -3.44 7.85
CA SER A 97 -31.15 -3.67 7.89
C SER A 97 -31.40 -5.18 7.76
N ALA A 98 -32.38 -5.71 8.49
CA ALA A 98 -32.60 -7.17 8.50
C ALA A 98 -33.97 -7.52 7.96
N PHE A 99 -34.07 -8.64 7.24
CA PHE A 99 -35.35 -9.05 6.63
C PHE A 99 -35.61 -10.50 6.90
N LYS A 100 -36.88 -10.83 7.06
CA LYS A 100 -37.35 -12.17 7.28
C LYS A 100 -37.73 -12.75 5.93
N ILE A 101 -37.34 -14.01 5.66
CA ILE A 101 -37.83 -14.71 4.46
C ILE A 101 -37.93 -16.20 4.76
N ASN A 102 -39.04 -16.83 4.40
CA ASN A 102 -39.22 -18.25 4.67
C ASN A 102 -39.33 -19.03 3.36
N PHE A 103 -38.55 -20.11 3.23
CA PHE A 103 -38.45 -20.84 1.97
C PHE A 103 -39.18 -22.16 2.04
N GLU A 104 -40.03 -22.44 1.06
CA GLU A 104 -40.59 -23.77 0.95
C GLU A 104 -39.52 -24.77 0.50
N TRP A 105 -39.27 -25.75 1.34
CA TRP A 105 -38.29 -26.77 1.07
C TRP A 105 -38.97 -28.04 1.56
N ASP A 106 -38.47 -29.20 1.18
CA ASP A 106 -38.96 -30.43 1.81
C ASP A 106 -37.83 -31.41 1.99
N ASP A 107 -38.18 -32.63 2.36
CA ASP A 107 -37.19 -33.70 2.42
C ASP A 107 -37.33 -34.46 1.12
N GLY A 108 -36.62 -33.92 0.14
CA GLY A 108 -36.57 -34.37 -1.22
C GLY A 108 -35.36 -33.60 -1.70
N SER A 109 -35.50 -32.28 -1.80
CA SER A 109 -34.39 -31.36 -2.03
C SER A 109 -33.63 -31.28 -0.72
N GLY A 110 -32.34 -31.56 -0.73
CA GLY A 110 -31.63 -31.77 0.52
C GLY A 110 -31.20 -30.57 1.34
N ILE A 111 -29.88 -30.39 1.38
CA ILE A 111 -29.23 -29.30 2.10
C ILE A 111 -28.88 -28.15 1.13
N PRO A 112 -29.38 -26.95 1.40
CA PRO A 112 -29.00 -25.77 0.60
C PRO A 112 -27.50 -25.49 0.75
N GLY A 113 -26.83 -25.17 -0.35
CA GLY A 113 -25.42 -24.82 -0.30
C GLY A 113 -25.08 -23.57 -1.07
N ALA A 114 -26.06 -23.02 -1.78
CA ALA A 114 -25.90 -21.77 -2.51
C ALA A 114 -27.26 -21.12 -2.68
N PHE A 115 -27.28 -19.88 -3.16
CA PHE A 115 -28.54 -19.24 -3.56
C PHE A 115 -28.28 -18.24 -4.67
N TYR A 116 -29.31 -17.96 -5.45
CA TYR A 116 -29.32 -16.90 -6.45
C TYR A 116 -30.13 -15.74 -5.88
N ILE A 117 -29.72 -14.50 -6.16
CA ILE A 117 -30.52 -13.36 -5.75
C ILE A 117 -30.79 -12.42 -6.92
N LYS A 118 -32.00 -11.89 -6.97
CA LYS A 118 -32.36 -10.90 -7.95
C LYS A 118 -32.89 -9.65 -7.28
N ASN A 119 -32.28 -8.51 -7.59
CA ASN A 119 -32.75 -7.20 -7.18
C ASN A 119 -33.60 -6.59 -8.30
N PHE A 120 -34.90 -6.33 -8.05
CA PHE A 120 -35.75 -5.74 -9.08
C PHE A 120 -35.91 -4.23 -8.86
N MET A 121 -35.29 -3.72 -7.80
CA MET A 121 -35.32 -2.29 -7.52
C MET A 121 -34.36 -1.51 -8.46
N GLN A 122 -34.59 -0.21 -8.56
CA GLN A 122 -33.76 0.68 -9.37
C GLN A 122 -32.39 0.85 -8.77
N THR A 123 -32.32 0.88 -7.45
CA THR A 123 -31.08 1.16 -6.70
C THR A 123 -30.42 -0.10 -6.16
N GLU A 124 -29.10 -0.13 -6.25
CA GLU A 124 -28.30 -1.23 -5.71
C GLU A 124 -28.24 -1.19 -4.18
N PHE A 125 -28.02 -2.36 -3.59
CA PHE A 125 -27.86 -2.45 -2.15
C PHE A 125 -26.69 -3.37 -1.87
N PHE A 126 -26.16 -3.29 -0.68
CA PHE A 126 -25.03 -4.12 -0.31
C PHE A 126 -25.55 -5.31 0.47
N LEU A 127 -25.39 -6.51 -0.09
CA LEU A 127 -25.91 -7.71 0.61
C LEU A 127 -24.83 -8.16 1.61
N VAL A 128 -25.16 -8.30 2.89
CA VAL A 128 -24.16 -8.70 3.90
C VAL A 128 -24.20 -10.20 4.11
N SER A 129 -25.36 -10.72 4.52
CA SER A 129 -25.43 -12.12 4.84
C SER A 129 -26.77 -12.78 4.58
N LEU A 130 -26.73 -14.10 4.38
CA LEU A 130 -27.93 -14.92 4.59
C LEU A 130 -27.71 -15.98 5.68
N THR A 131 -28.67 -16.13 6.58
CA THR A 131 -28.65 -17.19 7.59
C THR A 131 -29.89 -18.07 7.48
N LEU A 132 -29.71 -19.37 7.33
CA LEU A 132 -30.83 -20.34 7.29
C LEU A 132 -30.95 -21.17 8.58
N GLU A 133 -32.14 -21.20 9.15
CA GLU A 133 -32.50 -21.99 10.32
C GLU A 133 -33.35 -23.11 9.76
N ASP A 134 -32.89 -24.35 9.92
CA ASP A 134 -33.20 -25.43 8.95
C ASP A 134 -34.25 -26.45 9.31
N ILE A 135 -34.11 -27.66 8.74
CA ILE A 135 -35.08 -28.79 8.85
C ILE A 135 -34.58 -30.16 9.45
N PRO A 136 -33.52 -30.79 8.91
CA PRO A 136 -33.09 -32.04 9.54
C PRO A 136 -32.07 -31.77 10.64
N ASN A 137 -31.52 -32.83 11.22
CA ASN A 137 -30.46 -32.78 12.26
C ASN A 137 -29.24 -32.09 11.67
N HIS A 138 -29.33 -30.76 11.60
CA HIS A 138 -28.39 -29.90 10.90
C HIS A 138 -28.45 -28.56 11.59
N GLY A 139 -27.29 -27.98 11.85
CA GLY A 139 -27.22 -26.63 12.37
C GLY A 139 -27.60 -25.59 11.33
N SER A 140 -27.52 -24.33 11.76
CA SER A 140 -27.75 -23.19 10.92
C SER A 140 -26.76 -23.17 9.75
N ILE A 141 -27.23 -22.72 8.59
CA ILE A 141 -26.36 -22.53 7.46
C ILE A 141 -26.14 -21.02 7.26
N HIS A 142 -24.87 -20.60 7.30
CA HIS A 142 -24.45 -19.22 7.11
C HIS A 142 -23.86 -18.93 5.73
N PHE A 143 -24.15 -17.72 5.22
CA PHE A 143 -23.64 -17.29 3.90
C PHE A 143 -23.07 -15.90 4.11
N VAL A 144 -21.79 -15.68 3.83
CA VAL A 144 -21.21 -14.37 3.99
C VAL A 144 -21.06 -13.77 2.60
N CYS A 145 -21.76 -12.66 2.34
CA CYS A 145 -21.87 -12.22 0.95
C CYS A 145 -21.00 -11.04 0.65
N ASN A 146 -21.19 -9.98 1.44
CA ASN A 146 -20.48 -8.70 1.27
C ASN A 146 -20.33 -8.30 -0.18
N SER A 147 -21.47 -8.05 -0.82
CA SER A 147 -21.43 -7.76 -2.25
C SER A 147 -22.56 -6.83 -2.62
N TRP A 148 -22.28 -5.90 -3.54
CA TRP A 148 -23.30 -5.03 -4.09
C TRP A 148 -24.17 -5.77 -5.11
N ILE A 149 -25.46 -5.70 -4.93
CA ILE A 149 -26.38 -6.33 -5.85
C ILE A 149 -27.07 -5.28 -6.69
N TYR A 150 -26.68 -5.20 -7.97
CA TYR A 150 -27.34 -4.32 -8.96
C TYR A 150 -28.58 -4.98 -9.59
N ASN A 151 -29.36 -4.15 -10.28
CA ASN A 151 -30.62 -4.57 -10.87
C ASN A 151 -30.45 -5.83 -11.74
N ALA A 152 -31.34 -6.81 -11.54
CA ALA A 152 -31.29 -8.11 -12.24
C ALA A 152 -31.24 -8.04 -13.79
N LYS A 153 -31.84 -7.00 -14.39
CA LYS A 153 -31.77 -6.77 -15.86
C LYS A 153 -30.36 -6.46 -16.41
N LEU A 154 -29.43 -6.05 -15.54
CA LEU A 154 -28.05 -5.78 -15.95
C LEU A 154 -27.24 -7.06 -16.16
N PHE A 155 -27.70 -8.19 -15.64
CA PHE A 155 -26.92 -9.44 -15.69
C PHE A 155 -27.60 -10.54 -16.51
N LYS A 156 -26.81 -11.50 -17.02
CA LYS A 156 -27.35 -12.59 -17.86
C LYS A 156 -27.70 -13.81 -17.01
N SER A 157 -26.79 -14.18 -16.14
CA SER A 157 -27.10 -15.19 -15.15
C SER A 157 -27.10 -14.46 -13.80
N ASP A 158 -27.90 -14.98 -12.86
CA ASP A 158 -28.09 -14.34 -11.56
C ASP A 158 -26.86 -14.40 -10.62
N ARG A 159 -26.79 -13.40 -9.74
CA ARG A 159 -25.78 -13.34 -8.71
C ARG A 159 -25.89 -14.57 -7.83
N ILE A 160 -24.79 -15.29 -7.64
CA ILE A 160 -24.82 -16.49 -6.85
C ILE A 160 -23.87 -16.36 -5.65
N PHE A 161 -24.27 -16.98 -4.53
CA PHE A 161 -23.50 -16.91 -3.32
C PHE A 161 -23.50 -18.31 -2.73
N PHE A 162 -22.37 -18.73 -2.20
CA PHE A 162 -22.26 -20.02 -1.58
C PHE A 162 -22.20 -19.90 -0.08
N ALA A 163 -22.50 -21.01 0.56
CA ALA A 163 -22.38 -21.14 1.97
C ALA A 163 -20.94 -21.10 2.42
N ASN A 164 -20.87 -21.03 3.74
CA ASN A 164 -19.72 -20.98 4.62
C ASN A 164 -18.65 -22.00 4.49
N GLN A 165 -19.03 -23.12 3.93
CA GLN A 165 -18.22 -24.29 3.84
C GLN A 165 -17.06 -24.07 2.87
N THR A 166 -15.87 -24.31 3.40
CA THR A 166 -14.64 -24.25 2.60
C THR A 166 -14.42 -25.57 1.88
N TYR A 167 -14.20 -25.53 0.57
CA TYR A 167 -14.01 -26.77 -0.24
C TYR A 167 -12.85 -26.61 -1.23
N LEU A 168 -11.95 -27.59 -1.24
CA LEU A 168 -10.99 -27.75 -2.35
C LEU A 168 -11.81 -28.19 -3.56
N PRO A 169 -11.34 -27.94 -4.80
CA PRO A 169 -12.02 -28.40 -6.02
C PRO A 169 -12.52 -29.85 -6.00
N SER A 170 -11.72 -30.75 -5.43
CA SER A 170 -12.08 -32.16 -5.43
C SER A 170 -13.17 -32.45 -4.39
N GLU A 171 -13.26 -31.59 -3.38
CA GLU A 171 -14.21 -31.74 -2.27
C GLU A 171 -15.59 -31.12 -2.51
N THR A 172 -15.73 -30.35 -3.58
CA THR A 172 -17.02 -29.72 -3.94
C THR A 172 -18.15 -30.74 -4.16
N PRO A 173 -19.27 -30.57 -3.46
CA PRO A 173 -20.47 -31.40 -3.66
C PRO A 173 -20.84 -31.44 -5.12
N ALA A 174 -21.01 -32.64 -5.66
CA ALA A 174 -21.26 -32.82 -7.09
C ALA A 174 -22.31 -31.91 -7.70
N PRO A 175 -23.48 -31.70 -7.06
CA PRO A 175 -24.47 -30.78 -7.64
C PRO A 175 -24.03 -29.32 -7.72
N LEU A 176 -22.97 -28.92 -7.03
CA LEU A 176 -22.49 -27.54 -7.05
C LEU A 176 -21.28 -27.30 -7.97
N VAL A 177 -20.74 -28.38 -8.57
CA VAL A 177 -19.50 -28.27 -9.36
C VAL A 177 -19.62 -27.28 -10.53
N LYS A 178 -20.72 -27.39 -11.25
CA LYS A 178 -20.98 -26.50 -12.38
C LYS A 178 -21.26 -25.07 -11.96
N TYR A 179 -21.90 -24.87 -10.82
CA TYR A 179 -22.12 -23.51 -10.32
C TYR A 179 -20.81 -22.83 -9.97
N ARG A 180 -19.89 -23.58 -9.36
CA ARG A 180 -18.59 -23.07 -8.92
C ARG A 180 -17.71 -22.65 -10.12
N GLU A 181 -17.72 -23.48 -11.17
CA GLU A 181 -16.99 -23.22 -12.42
C GLU A 181 -17.59 -22.09 -13.27
N GLU A 182 -18.91 -21.99 -13.27
CA GLU A 182 -19.62 -20.96 -14.03
C GLU A 182 -19.36 -19.57 -13.45
N GLU A 183 -19.27 -19.45 -12.13
CA GLU A 183 -19.01 -18.12 -11.60
C GLU A 183 -17.57 -17.64 -11.80
N LEU A 184 -16.65 -18.58 -11.75
CA LEU A 184 -15.24 -18.35 -12.08
C LEU A 184 -15.06 -17.86 -13.51
N HIS A 185 -15.83 -18.46 -14.43
CA HIS A 185 -15.91 -18.06 -15.82
C HIS A 185 -16.47 -16.65 -16.00
N ASN A 186 -17.53 -16.34 -15.24
CA ASN A 186 -18.19 -15.05 -15.28
C ASN A 186 -17.29 -13.93 -14.67
N LEU A 187 -16.47 -14.30 -13.70
CA LEU A 187 -15.49 -13.39 -13.13
C LEU A 187 -14.32 -13.05 -14.09
N ARG A 188 -14.06 -13.92 -15.05
CA ARG A 188 -12.93 -13.71 -15.97
C ARG A 188 -13.25 -12.78 -17.14
N GLY A 189 -14.51 -12.76 -17.56
CA GLY A 189 -14.88 -12.05 -18.76
C GLY A 189 -14.31 -12.76 -19.99
N ASP A 190 -14.06 -12.03 -21.07
CA ASP A 190 -13.47 -12.63 -22.28
C ASP A 190 -12.34 -11.80 -22.87
N GLY A 191 -11.98 -10.75 -22.13
CA GLY A 191 -10.85 -9.91 -22.47
C GLY A 191 -11.22 -8.79 -23.41
N THR A 192 -12.50 -8.65 -23.69
CA THR A 192 -12.95 -7.63 -24.60
C THR A 192 -13.92 -6.74 -23.89
N GLY A 193 -14.15 -5.55 -24.42
CA GLY A 193 -15.24 -4.73 -23.94
C GLY A 193 -14.81 -3.59 -23.04
N GLU A 194 -15.57 -2.51 -23.05
CA GLU A 194 -15.37 -1.46 -22.08
C GLU A 194 -16.06 -1.80 -20.77
N ARG A 195 -15.31 -1.79 -19.68
CA ARG A 195 -15.84 -2.20 -18.40
C ARG A 195 -16.78 -1.17 -17.76
N LYS A 196 -17.88 -1.65 -17.20
CA LYS A 196 -18.89 -0.77 -16.60
C LYS A 196 -18.93 -0.90 -15.06
N GLU A 197 -19.42 0.15 -14.37
CA GLU A 197 -19.40 0.27 -12.90
C GLU A 197 -19.93 -0.95 -12.10
N TRP A 198 -21.01 -1.53 -12.62
CA TRP A 198 -21.72 -2.63 -12.02
C TRP A 198 -21.09 -4.00 -12.23
N GLU A 199 -20.08 -4.09 -13.10
CA GLU A 199 -19.43 -5.37 -13.45
C GLU A 199 -18.38 -5.82 -12.46
N ARG A 200 -18.15 -7.14 -12.45
CA ARG A 200 -17.22 -7.78 -11.54
C ARG A 200 -16.29 -8.60 -12.39
N ILE A 201 -15.61 -7.95 -13.32
CA ILE A 201 -14.80 -8.71 -14.25
C ILE A 201 -13.31 -8.37 -14.01
N TYR A 202 -12.54 -9.41 -13.75
CA TYR A 202 -11.15 -9.26 -13.37
C TYR A 202 -10.29 -9.69 -14.56
N ASP A 203 -9.40 -8.81 -15.01
CA ASP A 203 -8.49 -9.11 -16.09
C ASP A 203 -7.34 -8.12 -16.03
N TYR A 204 -6.34 -8.33 -16.90
CA TYR A 204 -5.05 -7.64 -16.86
C TYR A 204 -4.83 -6.73 -18.05
N ASP A 205 -4.05 -5.67 -17.83
CA ASP A 205 -3.59 -4.83 -18.92
C ASP A 205 -2.27 -4.25 -18.48
N VAL A 206 -1.53 -3.73 -19.45
CA VAL A 206 -0.31 -3.01 -19.12
C VAL A 206 -0.59 -1.57 -18.65
N TYR A 207 0.46 -0.90 -18.15
CA TYR A 207 0.37 0.52 -17.81
C TYR A 207 0.56 1.41 -19.04
N ASN A 208 -0.50 1.51 -19.85
CA ASN A 208 -0.55 2.33 -21.05
C ASN A 208 -1.57 3.48 -20.85
N ASP A 209 -1.67 3.84 -19.59
CA ASP A 209 -2.79 4.45 -18.95
C ASP A 209 -2.48 5.83 -18.37
N LEU A 210 -1.20 6.12 -18.20
CA LEU A 210 -0.77 7.23 -17.38
C LEU A 210 -0.55 8.56 -18.11
N GLY A 211 -0.29 8.52 -19.41
CA GLY A 211 -0.03 9.76 -20.10
C GLY A 211 -1.30 10.27 -20.76
N ASP A 212 -1.22 11.41 -21.45
CA ASP A 212 -2.35 11.91 -22.22
C ASP A 212 -1.81 12.43 -23.53
N PRO A 213 -1.47 11.56 -24.47
CA PRO A 213 -0.76 11.97 -25.67
C PRO A 213 -1.64 12.74 -26.64
N ASP A 214 -2.95 12.71 -26.44
CA ASP A 214 -3.88 13.53 -27.24
C ASP A 214 -3.73 15.03 -26.94
N LYS A 215 -3.23 15.34 -25.74
CA LYS A 215 -3.11 16.71 -25.27
C LYS A 215 -1.79 17.31 -25.75
N GLY A 216 -0.84 16.43 -26.08
CA GLY A 216 0.45 16.84 -26.62
C GLY A 216 1.49 15.75 -26.46
N GLU A 217 2.52 15.80 -27.29
CA GLU A 217 3.61 14.83 -27.32
C GLU A 217 4.42 14.81 -26.01
N ASN A 218 4.51 15.95 -25.35
CA ASN A 218 5.20 16.00 -24.07
C ASN A 218 4.37 15.46 -22.90
N HIS A 219 3.08 15.19 -23.14
CA HIS A 219 2.22 14.53 -22.16
C HIS A 219 2.20 13.04 -22.35
N ALA A 220 2.84 12.55 -23.41
CA ALA A 220 2.92 11.10 -23.64
C ALA A 220 3.87 10.45 -22.61
N ARG A 221 3.52 9.24 -22.18
CA ARG A 221 4.35 8.51 -21.21
C ARG A 221 4.53 7.12 -21.82
N PRO A 222 5.68 6.48 -21.60
CA PRO A 222 5.96 5.19 -22.27
C PRO A 222 5.15 4.07 -21.63
N VAL A 223 4.79 3.07 -22.43
CA VAL A 223 4.01 1.96 -21.94
C VAL A 223 4.86 1.08 -20.99
N LEU A 224 4.35 0.82 -19.78
CA LEU A 224 5.14 0.05 -18.85
C LEU A 224 4.57 -1.37 -18.79
N GLY A 225 5.43 -2.32 -19.16
CA GLY A 225 5.09 -3.73 -19.13
C GLY A 225 4.90 -4.25 -20.54
N GLY A 226 5.12 -5.55 -20.75
CA GLY A 226 4.97 -6.15 -22.06
C GLY A 226 6.10 -5.90 -23.03
N ASN A 227 7.22 -5.36 -22.53
CA ASN A 227 8.44 -5.17 -23.31
C ASN A 227 9.62 -5.31 -22.36
N ASP A 228 10.80 -5.45 -22.92
CA ASP A 228 12.04 -5.70 -22.16
C ASP A 228 12.70 -4.45 -21.56
N THR A 229 12.45 -3.28 -22.14
CA THR A 229 13.04 -2.04 -21.63
C THR A 229 12.36 -1.56 -20.36
N PHE A 230 11.03 -1.59 -20.36
CA PHE A 230 10.29 -1.15 -19.20
C PHE A 230 9.33 -2.27 -18.75
N PRO A 231 9.83 -3.34 -18.13
CA PRO A 231 8.91 -4.36 -17.63
C PRO A 231 8.16 -3.83 -16.39
N TYR A 232 6.97 -4.36 -16.16
CA TYR A 232 6.13 -3.87 -15.06
C TYR A 232 5.07 -4.94 -14.70
N PRO A 233 4.59 -4.97 -13.46
CA PRO A 233 3.43 -5.82 -13.15
C PRO A 233 2.22 -5.34 -13.95
N ARG A 234 1.23 -6.22 -14.14
CA ARG A 234 0.04 -5.82 -14.87
C ARG A 234 -0.87 -5.10 -13.85
N ARG A 235 -1.86 -4.36 -14.34
CA ARG A 235 -2.88 -3.76 -13.49
C ARG A 235 -4.23 -4.25 -13.97
N GLY A 236 -5.29 -3.92 -13.24
CA GLY A 236 -6.65 -4.23 -13.70
C GLY A 236 -7.13 -3.64 -15.00
N ARG A 237 -7.52 -4.54 -15.92
CA ARG A 237 -8.09 -4.08 -17.18
C ARG A 237 -9.33 -3.16 -17.00
N THR A 238 -9.34 -1.99 -17.65
CA THR A 238 -10.54 -1.16 -17.77
C THR A 238 -10.76 -1.21 -19.25
N GLY A 239 -11.94 -1.15 -19.78
CA GLY A 239 -11.71 -1.32 -21.24
C GLY A 239 -11.85 -0.15 -22.18
N ARG A 240 -11.29 1.00 -21.80
CA ARG A 240 -11.63 2.25 -22.50
C ARG A 240 -11.03 2.34 -23.88
N LYS A 241 -11.61 3.21 -24.70
CA LYS A 241 -11.21 3.39 -26.09
C LYS A 241 -9.79 3.97 -26.09
N PRO A 242 -9.00 3.62 -27.08
CA PRO A 242 -7.65 4.16 -27.18
C PRO A 242 -7.66 5.68 -27.45
N THR A 243 -6.54 6.35 -27.17
CA THR A 243 -6.39 7.74 -27.53
C THR A 243 -6.37 7.87 -29.05
N ARG A 244 -6.75 9.04 -29.54
CA ARG A 244 -6.77 9.24 -30.97
C ARG A 244 -5.35 9.31 -31.56
N LYS A 245 -4.42 9.90 -30.82
CA LYS A 245 -3.06 10.07 -31.35
C LYS A 245 -2.23 8.79 -31.32
N ASP A 246 -2.46 7.95 -30.33
CA ASP A 246 -1.67 6.73 -30.20
C ASP A 246 -2.56 5.55 -29.83
N PRO A 247 -2.65 4.57 -30.75
CA PRO A 247 -3.40 3.33 -30.57
C PRO A 247 -2.98 2.47 -29.36
N ASN A 248 -1.71 2.52 -29.00
CA ASN A 248 -1.20 1.71 -27.90
C ASN A 248 -1.45 2.32 -26.52
N SER A 249 -2.02 3.52 -26.46
CA SER A 249 -2.34 4.10 -25.17
C SER A 249 -3.84 4.15 -24.95
N GLU A 250 -4.26 4.03 -23.70
CA GLU A 250 -5.68 4.08 -23.34
C GLU A 250 -6.09 5.53 -23.00
N SER A 251 -7.23 5.97 -23.53
CA SER A 251 -7.76 7.32 -23.24
C SER A 251 -8.07 7.60 -21.76
N ARG A 252 -7.92 8.85 -21.36
CA ARG A 252 -8.10 9.26 -19.98
C ARG A 252 -9.57 9.38 -19.62
N SER A 253 -9.87 9.11 -18.35
CA SER A 253 -11.22 9.28 -17.82
C SER A 253 -11.21 9.77 -16.40
N ASN A 254 -12.24 10.51 -16.02
CA ASN A 254 -12.41 10.87 -14.62
C ASN A 254 -12.89 9.74 -13.73
N ASP A 255 -13.45 8.70 -14.33
CA ASP A 255 -13.82 7.53 -13.57
C ASP A 255 -12.98 6.34 -14.01
N VAL A 256 -12.29 5.71 -13.09
CA VAL A 256 -11.58 4.50 -13.43
C VAL A 256 -12.35 3.29 -12.86
N TYR A 257 -12.72 2.37 -13.74
CA TYR A 257 -13.36 1.12 -13.34
C TYR A 257 -12.43 0.25 -12.50
N LEU A 258 -13.04 -0.42 -11.53
CA LEU A 258 -12.45 -1.58 -10.88
C LEU A 258 -13.65 -2.50 -10.63
N PRO A 259 -13.43 -3.82 -10.53
CA PRO A 259 -14.53 -4.77 -10.28
C PRO A 259 -15.28 -4.33 -9.02
N ARG A 260 -16.60 -4.25 -9.10
CA ARG A 260 -17.42 -3.53 -8.13
C ARG A 260 -17.13 -3.80 -6.65
N ASP A 261 -16.93 -5.05 -6.24
CA ASP A 261 -16.76 -5.33 -4.81
C ASP A 261 -15.35 -5.02 -4.28
N GLU A 262 -14.47 -4.53 -5.17
CA GLU A 262 -13.16 -4.05 -4.75
C GLU A 262 -13.18 -2.61 -4.27
N ALA A 263 -14.29 -1.92 -4.49
CA ALA A 263 -14.45 -0.57 -4.00
C ALA A 263 -15.29 -0.55 -2.73
N PHE A 264 -14.66 -0.24 -1.60
CA PHE A 264 -15.32 -0.28 -0.29
C PHE A 264 -15.93 1.07 0.07
N GLY A 265 -17.18 1.06 0.53
CA GLY A 265 -17.84 2.24 1.05
C GLY A 265 -17.53 2.36 2.53
N HIS A 266 -18.03 3.42 3.16
CA HIS A 266 -17.76 3.69 4.58
C HIS A 266 -18.97 4.31 5.20
N LEU A 267 -19.15 4.06 6.49
CA LEU A 267 -20.27 4.59 7.24
C LEU A 267 -20.02 6.09 7.62
N LYS A 268 -18.75 6.47 7.70
CA LYS A 268 -18.34 7.80 8.16
C LYS A 268 -17.69 8.56 7.00
N SER A 269 -18.03 9.84 6.89
CA SER A 269 -17.52 10.72 5.84
C SER A 269 -16.00 10.83 5.78
N SER A 270 -15.41 11.05 6.93
CA SER A 270 -13.95 11.16 7.03
C SER A 270 -13.18 9.87 6.77
N ASP A 271 -13.87 8.76 6.58
CA ASP A 271 -13.12 7.56 6.20
C ASP A 271 -12.95 7.41 4.72
N PHE A 272 -13.55 8.29 3.95
CA PHE A 272 -13.41 8.24 2.50
C PHE A 272 -12.07 8.87 2.02
N LEU A 273 -10.96 8.21 2.28
CA LEU A 273 -9.64 8.81 2.04
C LEU A 273 -9.26 8.93 0.58
N THR A 274 -9.60 7.94 -0.26
CA THR A 274 -9.28 8.12 -1.68
C THR A 274 -9.99 9.30 -2.28
N TYR A 275 -11.21 9.54 -1.80
CA TYR A 275 -11.99 10.73 -2.13
C TYR A 275 -11.26 11.99 -1.69
N GLY A 276 -10.69 11.97 -0.48
CA GLY A 276 -9.89 13.10 0.00
C GLY A 276 -8.69 13.40 -0.88
N LEU A 277 -7.96 12.34 -1.24
CA LEU A 277 -6.81 12.44 -2.12
C LEU A 277 -7.15 13.01 -3.50
N LYS A 278 -8.25 12.53 -4.07
CA LYS A 278 -8.73 12.95 -5.38
C LYS A 278 -9.10 14.41 -5.34
N SER A 279 -9.67 14.84 -4.21
CA SER A 279 -10.04 16.24 -3.98
C SER A 279 -8.82 17.11 -3.83
N VAL A 280 -7.76 16.58 -3.24
CA VAL A 280 -6.51 17.33 -3.19
C VAL A 280 -5.97 17.56 -4.62
N SER A 281 -5.95 16.53 -5.46
CA SER A 281 -5.51 16.69 -6.86
C SER A 281 -6.41 17.63 -7.67
N GLN A 282 -7.70 17.34 -7.67
CA GLN A 282 -8.63 18.07 -8.52
C GLN A 282 -9.06 19.44 -8.01
N ASN A 283 -9.11 19.61 -6.70
CA ASN A 283 -9.73 20.84 -6.20
C ASN A 283 -8.79 21.72 -5.41
N VAL A 284 -7.91 21.10 -4.63
CA VAL A 284 -7.06 21.88 -3.75
C VAL A 284 -5.82 22.37 -4.48
N LEU A 285 -5.27 21.48 -5.31
CA LEU A 285 -4.04 21.76 -6.07
C LEU A 285 -4.20 22.90 -7.09
N PRO A 286 -5.21 22.93 -7.98
CA PRO A 286 -5.37 24.09 -8.87
C PRO A 286 -5.70 25.38 -8.11
N LEU A 287 -6.41 25.27 -6.99
CA LEU A 287 -6.83 26.46 -6.26
C LEU A 287 -5.72 27.07 -5.40
N LEU A 288 -4.85 26.22 -4.86
CA LEU A 288 -3.67 26.68 -4.13
C LEU A 288 -2.66 27.30 -5.11
N GLN A 289 -2.53 26.68 -6.28
CA GLN A 289 -1.63 27.13 -7.38
C GLN A 289 -1.94 28.51 -7.85
N SER A 290 -3.21 28.90 -7.75
CA SER A 290 -3.64 30.27 -8.05
C SER A 290 -3.18 31.32 -7.03
N ALA A 291 -2.86 30.91 -5.81
CA ALA A 291 -2.37 31.88 -4.83
C ALA A 291 -0.92 32.23 -5.11
N PHE A 292 -0.19 31.25 -5.65
CA PHE A 292 1.22 31.44 -5.96
C PHE A 292 1.43 32.12 -7.32
N ASP A 293 0.55 31.83 -8.28
CA ASP A 293 0.54 32.48 -9.59
C ASP A 293 0.03 33.94 -9.49
N LEU A 294 -0.44 34.29 -8.29
CA LEU A 294 -0.69 35.66 -7.86
C LEU A 294 0.45 36.05 -6.91
N ASN A 295 0.13 36.37 -5.63
CA ASN A 295 1.10 36.84 -4.60
C ASN A 295 0.50 37.03 -3.19
N PHE A 296 -0.57 36.32 -2.84
CA PHE A 296 -1.10 36.47 -1.48
C PHE A 296 -0.25 35.61 -0.52
N THR A 297 0.53 34.75 -1.16
CA THR A 297 1.55 33.94 -0.56
C THR A 297 2.84 34.27 -1.28
N PRO A 298 3.87 34.59 -0.51
CA PRO A 298 5.24 34.65 -1.04
C PRO A 298 5.66 33.25 -1.48
N ARG A 299 6.34 33.17 -2.62
CA ARG A 299 6.71 31.91 -3.27
C ARG A 299 7.73 31.03 -2.54
N GLU A 300 8.51 31.65 -1.68
CA GLU A 300 9.73 31.05 -1.20
C GLU A 300 9.70 31.12 0.33
N PHE A 301 10.16 30.07 1.02
CA PHE A 301 10.44 30.19 2.45
C PHE A 301 11.71 30.99 2.58
N ASP A 302 11.81 31.83 3.61
CA ASP A 302 13.02 32.65 3.81
C ASP A 302 13.82 32.21 5.04
N SER A 303 13.20 31.40 5.89
CA SER A 303 13.81 30.97 7.15
C SER A 303 13.18 29.68 7.63
N PHE A 304 13.86 29.00 8.54
CA PHE A 304 13.39 27.76 9.17
C PHE A 304 12.20 28.04 10.07
N ASP A 305 12.20 29.21 10.70
CA ASP A 305 11.07 29.72 11.49
C ASP A 305 9.78 29.78 10.68
N GLU A 306 9.89 30.18 9.40
CA GLU A 306 8.75 30.23 8.50
C GLU A 306 8.21 28.85 8.17
N VAL A 307 9.06 27.83 8.20
CA VAL A 307 8.63 26.43 8.00
C VAL A 307 7.87 25.94 9.24
N HIS A 308 8.38 26.28 10.42
CA HIS A 308 7.75 25.90 11.72
C HIS A 308 6.38 26.56 11.96
N GLY A 309 6.13 27.66 11.25
CA GLY A 309 4.87 28.39 11.32
C GLY A 309 3.69 27.70 10.69
N LEU A 310 3.94 26.76 9.76
CA LEU A 310 2.91 25.88 9.21
C LEU A 310 2.14 25.10 10.30
N TYR A 311 2.82 24.75 11.38
CA TYR A 311 2.25 23.95 12.46
C TYR A 311 1.62 24.77 13.60
N SER A 312 2.04 26.02 13.78
CA SER A 312 1.46 26.86 14.83
C SER A 312 0.34 27.73 14.25
N GLY A 313 0.72 28.83 13.60
CA GLY A 313 -0.24 29.76 13.04
C GLY A 313 -0.72 29.41 11.64
N GLY A 314 0.05 28.61 10.92
CA GLY A 314 -0.41 28.16 9.61
C GLY A 314 -0.09 29.14 8.52
N ILE A 315 -0.53 28.82 7.31
CA ILE A 315 -0.22 29.70 6.19
C ILE A 315 -1.42 30.55 5.76
N LYS A 316 -1.23 31.87 5.87
CA LYS A 316 -2.21 32.87 5.49
C LYS A 316 -2.60 32.82 4.01
N LEU A 317 -3.87 32.50 3.77
CA LEU A 317 -4.43 32.45 2.42
C LEU A 317 -5.58 33.45 2.44
N PRO A 318 -5.99 33.97 1.28
CA PRO A 318 -7.20 34.78 1.22
C PRO A 318 -8.44 33.91 1.44
N THR A 319 -9.54 34.52 1.90
CA THR A 319 -10.74 33.71 2.15
C THR A 319 -11.53 33.33 0.87
N ASP A 320 -10.97 33.72 -0.27
CA ASP A 320 -11.45 33.33 -1.58
C ASP A 320 -11.15 31.86 -1.77
N ILE A 321 -9.91 31.50 -1.44
CA ILE A 321 -9.44 30.13 -1.59
C ILE A 321 -9.91 29.28 -0.41
N ILE A 322 -9.74 29.85 0.79
CA ILE A 322 -10.10 29.24 2.07
C ILE A 322 -11.55 28.75 2.16
N SER A 323 -12.49 29.57 1.66
CA SER A 323 -13.91 29.20 1.70
C SER A 323 -14.29 28.22 0.60
N LYS A 324 -13.39 27.97 -0.33
CA LYS A 324 -13.65 26.94 -1.31
C LYS A 324 -12.92 25.65 -0.91
N ILE A 325 -11.94 25.75 -0.03
CA ILE A 325 -11.26 24.52 0.42
C ILE A 325 -11.76 23.94 1.75
N SER A 326 -12.09 24.78 2.72
CA SER A 326 -12.62 24.31 4.01
C SER A 326 -13.96 23.49 4.03
N PRO A 327 -15.01 23.83 3.24
CA PRO A 327 -16.21 22.99 3.21
C PRO A 327 -16.15 21.81 2.23
N LEU A 328 -14.96 21.30 1.92
CA LEU A 328 -14.82 20.12 1.06
C LEU A 328 -15.08 18.87 1.88
N PRO A 329 -16.07 18.08 1.46
CA PRO A 329 -16.59 16.88 2.15
C PRO A 329 -15.73 16.14 3.23
N VAL A 330 -14.63 15.50 2.82
CA VAL A 330 -13.78 14.67 3.70
C VAL A 330 -12.63 15.48 4.31
N LEU A 331 -12.23 16.51 3.59
CA LEU A 331 -11.06 17.34 3.94
C LEU A 331 -11.15 18.21 5.21
N LYS A 332 -12.35 18.35 5.79
CA LYS A 332 -12.55 19.08 7.07
C LYS A 332 -11.72 18.49 8.24
N GLU A 333 -11.55 17.16 8.27
CA GLU A 333 -10.69 16.54 9.28
C GLU A 333 -9.20 16.87 9.11
N ILE A 334 -8.69 16.76 7.89
CA ILE A 334 -7.24 16.87 7.71
C ILE A 334 -6.75 18.31 7.55
N PHE A 335 -7.64 19.20 7.13
CA PHE A 335 -7.25 20.59 6.99
C PHE A 335 -7.71 21.33 8.22
N ARG A 336 -6.74 21.71 9.04
CA ARG A 336 -7.03 22.55 10.21
C ARG A 336 -7.22 23.98 9.71
N THR A 337 -8.33 24.59 10.11
CA THR A 337 -8.69 25.94 9.69
C THR A 337 -9.15 26.72 10.91
N ASP A 338 -8.45 27.82 11.19
CA ASP A 338 -8.71 28.65 12.36
C ASP A 338 -10.01 29.44 12.19
N GLY A 339 -10.22 29.95 10.98
CA GLY A 339 -11.45 30.64 10.65
C GLY A 339 -11.37 31.08 9.19
N GLU A 340 -10.45 32.02 8.93
CA GLU A 340 -10.24 32.59 7.60
C GLU A 340 -8.77 32.53 7.19
N GLN A 341 -7.92 33.27 7.90
CA GLN A 341 -6.57 33.49 7.39
C GLN A 341 -5.52 32.42 7.68
N ALA A 342 -5.86 31.13 7.59
CA ALA A 342 -4.91 30.05 7.90
C ALA A 342 -5.26 28.63 7.46
N LEU A 343 -4.36 28.01 6.70
CA LEU A 343 -4.34 26.57 6.52
C LEU A 343 -3.25 26.06 7.45
N LYS A 344 -3.60 25.22 8.43
CA LYS A 344 -2.60 24.70 9.35
C LYS A 344 -2.35 23.22 9.09
N PHE A 345 -1.19 22.78 9.55
CA PHE A 345 -0.85 21.39 9.49
C PHE A 345 -0.53 20.95 10.94
N PRO A 346 -0.86 19.71 11.31
CA PRO A 346 -0.51 19.20 12.64
C PRO A 346 1.01 19.03 12.81
N PRO A 347 1.58 19.24 13.99
CA PRO A 347 3.02 19.08 14.20
C PRO A 347 3.40 17.64 13.96
N PRO A 348 4.37 17.41 13.08
CA PRO A 348 4.82 16.05 12.84
C PRO A 348 5.56 15.57 14.06
N LYS A 349 5.48 14.27 14.36
CA LYS A 349 6.15 13.70 15.54
C LYS A 349 7.64 14.01 15.63
N VAL A 350 8.32 14.13 14.48
CA VAL A 350 9.77 14.40 14.47
C VAL A 350 10.20 15.70 15.20
N ILE A 351 9.30 16.65 15.37
CA ILE A 351 9.72 17.88 16.04
C ILE A 351 8.94 18.17 17.33
N GLN A 352 8.19 17.19 17.83
CA GLN A 352 7.32 17.44 18.99
C GLN A 352 8.10 17.58 20.32
N VAL A 353 9.25 16.93 20.40
CA VAL A 353 10.13 17.08 21.57
C VAL A 353 11.24 18.07 21.26
N SER A 354 11.82 17.95 20.08
CA SER A 354 12.97 18.78 19.73
C SER A 354 12.89 19.23 18.26
N LYS A 355 12.94 20.54 18.07
CA LYS A 355 12.82 21.20 16.76
C LYS A 355 14.02 21.00 15.85
N SER A 356 15.17 20.72 16.45
CA SER A 356 16.45 20.75 15.75
C SER A 356 17.20 19.42 15.77
N ALA A 357 16.68 18.43 16.51
CA ALA A 357 17.30 17.09 16.55
C ALA A 357 17.43 16.36 15.18
N TRP A 358 16.58 16.68 14.22
CA TRP A 358 16.68 16.09 12.88
C TRP A 358 18.00 16.41 12.12
N MET A 359 18.63 17.54 12.46
CA MET A 359 19.89 17.98 11.86
C MET A 359 21.10 17.15 12.28
N THR A 360 20.95 16.38 13.35
CA THR A 360 22.08 15.62 13.88
C THR A 360 22.39 14.48 12.97
N ASP A 361 23.68 14.13 12.94
CA ASP A 361 24.16 13.02 12.15
C ASP A 361 23.56 11.72 12.67
N GLU A 362 23.42 11.61 13.98
CA GLU A 362 22.85 10.38 14.53
C GLU A 362 21.38 10.11 14.11
N GLU A 363 20.56 11.15 13.96
CA GLU A 363 19.18 11.00 13.47
C GLU A 363 19.15 10.69 11.99
N PHE A 364 20.02 11.34 11.22
CA PHE A 364 20.18 11.03 9.78
C PHE A 364 20.47 9.52 9.54
N ALA A 365 21.43 9.02 10.31
CA ALA A 365 21.82 7.63 10.30
C ALA A 365 20.74 6.67 10.86
N ARG A 366 20.16 7.01 12.01
CA ARG A 366 19.10 6.20 12.65
C ARG A 366 17.87 5.98 11.75
N GLU A 367 17.54 7.00 10.94
CA GLU A 367 16.37 6.95 10.05
C GLU A 367 16.55 5.97 8.87
N MET A 368 17.77 5.55 8.62
CA MET A 368 17.99 4.47 7.67
C MET A 368 17.64 3.09 8.26
N LEU A 369 17.56 3.01 9.58
CA LEU A 369 17.15 1.77 10.28
C LEU A 369 15.72 1.78 10.85
N ALA A 370 15.18 2.96 11.11
CA ALA A 370 13.87 3.07 11.79
C ALA A 370 12.99 4.16 11.21
N GLY A 371 13.37 4.69 10.05
CA GLY A 371 12.61 5.75 9.42
C GLY A 371 11.60 5.25 8.39
N VAL A 372 11.24 6.16 7.49
CA VAL A 372 10.26 5.91 6.47
C VAL A 372 10.72 4.89 5.41
N ASN A 373 12.04 4.78 5.25
CA ASN A 373 12.65 3.88 4.25
C ASN A 373 13.77 3.07 4.90
N PRO A 374 13.38 2.09 5.69
CA PRO A 374 14.35 1.43 6.59
C PRO A 374 14.97 0.14 6.02
N ASN A 375 14.76 -0.01 4.70
CA ASN A 375 14.85 -1.20 3.93
C ASN A 375 16.09 -1.30 2.98
N LEU A 376 16.88 -0.22 2.88
CA LEU A 376 17.88 -0.13 1.80
C LEU A 376 19.36 -0.32 2.18
N ILE A 377 19.68 -0.04 3.42
CA ILE A 377 21.05 -0.11 3.87
C ILE A 377 21.66 -1.50 3.69
N ARG A 378 22.90 -1.55 3.18
CA ARG A 378 23.63 -2.80 3.04
C ARG A 378 24.91 -2.78 3.84
N CYS A 379 25.33 -3.95 4.31
CA CYS A 379 26.65 -4.12 4.87
C CYS A 379 27.66 -4.16 3.74
N LEU A 380 28.73 -3.40 3.88
CA LEU A 380 29.79 -3.30 2.89
C LEU A 380 30.68 -4.54 2.96
N LYS A 381 30.79 -5.24 1.84
CA LYS A 381 31.53 -6.49 1.80
C LYS A 381 32.88 -6.27 1.11
N ASP A 382 32.91 -5.37 0.14
CA ASP A 382 34.19 -4.94 -0.39
C ASP A 382 34.26 -3.43 -0.50
N PHE A 383 35.47 -2.94 -0.75
CA PHE A 383 35.74 -1.53 -0.82
C PHE A 383 36.74 -1.33 -1.94
N PRO A 384 36.64 -0.26 -2.74
CA PRO A 384 35.56 0.74 -2.70
C PRO A 384 34.27 0.19 -3.26
N PRO A 385 33.11 0.73 -2.90
CA PRO A 385 31.82 0.26 -3.44
C PRO A 385 31.71 0.31 -4.97
N ARG A 386 31.17 -0.74 -5.57
CA ARG A 386 31.11 -0.86 -7.03
C ARG A 386 29.71 -0.59 -7.57
N SER A 387 29.65 -0.22 -8.83
CA SER A 387 28.40 0.03 -9.50
C SER A 387 27.95 -1.12 -10.40
N LYS A 388 26.65 -1.26 -10.56
CA LYS A 388 26.14 -2.35 -11.37
C LYS A 388 25.81 -1.92 -12.80
N LEU A 389 26.23 -0.69 -13.15
CA LEU A 389 26.02 -0.15 -14.48
C LEU A 389 26.96 -0.81 -15.50
N ASP A 390 26.62 -0.68 -16.78
CA ASP A 390 27.29 -1.41 -17.86
C ASP A 390 28.54 -0.70 -18.40
N SER A 391 28.53 -0.34 -19.69
CA SER A 391 29.76 0.01 -20.40
C SER A 391 30.30 1.40 -20.06
N GLN A 392 29.46 2.24 -19.44
CA GLN A 392 29.92 3.51 -18.84
C GLN A 392 31.02 3.21 -17.77
N VAL A 393 32.14 3.93 -17.78
CA VAL A 393 33.35 3.38 -17.11
C VAL A 393 33.55 3.43 -15.59
N TYR A 394 32.86 4.32 -14.89
CA TYR A 394 32.81 4.32 -13.42
C TYR A 394 32.18 3.06 -12.78
N GLY A 395 31.60 2.20 -13.61
CA GLY A 395 30.93 0.98 -13.19
C GLY A 395 31.78 -0.24 -13.46
N ASP A 396 32.97 0.02 -14.00
CA ASP A 396 34.05 -0.94 -14.08
C ASP A 396 35.13 -0.32 -13.24
N HIS A 397 34.81 0.87 -12.75
CA HIS A 397 35.60 1.56 -11.76
C HIS A 397 34.80 1.42 -10.47
N THR A 398 34.81 2.45 -9.64
CA THR A 398 34.10 2.41 -8.38
C THR A 398 33.63 3.77 -7.89
N SER A 399 33.20 3.75 -6.63
CA SER A 399 33.18 4.93 -5.79
C SER A 399 34.57 5.54 -5.64
N GLN A 400 34.61 6.87 -5.54
CA GLN A 400 35.87 7.58 -5.37
C GLN A 400 36.09 7.98 -3.90
N ILE A 401 35.35 7.34 -2.99
CA ILE A 401 35.56 7.51 -1.57
C ILE A 401 36.79 6.67 -1.27
N THR A 402 37.74 7.23 -0.53
CA THR A 402 38.99 6.53 -0.28
C THR A 402 39.16 6.14 1.19
N LYS A 403 40.22 5.38 1.48
CA LYS A 403 40.48 4.94 2.84
C LYS A 403 40.93 6.08 3.75
N GLU A 404 41.63 7.05 3.17
CA GLU A 404 42.07 8.26 3.87
C GLU A 404 40.88 9.08 4.33
N HIS A 405 39.79 9.00 3.58
CA HIS A 405 38.54 9.67 3.93
C HIS A 405 37.91 9.14 5.22
N LEU A 406 38.03 7.84 5.47
CA LEU A 406 37.34 7.24 6.62
C LEU A 406 38.12 7.10 7.95
N GLU A 407 39.23 7.81 8.15
CA GLU A 407 39.93 7.70 9.46
C GLU A 407 39.98 8.97 10.29
N PRO A 408 39.06 9.03 11.27
CA PRO A 408 38.74 10.24 12.05
C PRO A 408 38.97 10.31 13.58
N ASN A 409 37.91 9.95 14.31
CA ASN A 409 37.82 10.13 15.75
C ASN A 409 37.46 8.88 16.59
N LEU A 410 36.45 8.12 16.15
CA LEU A 410 35.83 7.07 16.99
C LEU A 410 36.69 5.86 17.43
N GLU A 411 36.69 4.78 16.63
CA GLU A 411 37.28 3.50 17.05
C GLU A 411 38.73 3.19 16.67
N GLY A 412 39.36 4.00 15.83
CA GLY A 412 40.74 3.75 15.41
C GLY A 412 41.09 2.48 14.63
N LEU A 413 40.14 1.98 13.82
CA LEU A 413 40.36 0.77 13.03
C LEU A 413 40.86 1.11 11.63
N THR A 414 41.24 0.10 10.85
CA THR A 414 41.53 0.37 9.44
C THR A 414 40.32 -0.10 8.65
N VAL A 415 40.20 0.32 7.40
CA VAL A 415 39.04 -0.02 6.57
C VAL A 415 38.88 -1.54 6.38
N ASP A 416 39.99 -2.23 6.11
CA ASP A 416 40.04 -3.69 6.05
C ASP A 416 39.53 -4.38 7.35
N GLU A 417 39.87 -3.81 8.50
CA GLU A 417 39.41 -4.33 9.79
C GLU A 417 37.90 -4.10 10.01
N ALA A 418 37.43 -2.96 9.55
CA ALA A 418 36.06 -2.56 9.79
C ALA A 418 35.13 -3.29 8.87
N ILE A 419 35.66 -3.73 7.73
CA ILE A 419 34.86 -4.56 6.83
C ILE A 419 34.80 -5.99 7.36
N GLN A 420 35.97 -6.49 7.80
CA GLN A 420 36.09 -7.81 8.45
C GLN A 420 35.13 -7.99 9.62
N ASN A 421 35.00 -6.95 10.42
CA ASN A 421 34.23 -7.01 11.65
C ASN A 421 32.79 -6.53 11.42
N LYS A 422 32.44 -6.35 10.15
CA LYS A 422 31.10 -5.94 9.69
C LYS A 422 30.60 -4.67 10.35
N ARG A 423 31.44 -3.64 10.30
CA ARG A 423 31.09 -2.37 10.90
C ARG A 423 30.91 -1.25 9.86
N LEU A 424 31.10 -1.58 8.57
CA LEU A 424 30.85 -0.61 7.48
C LEU A 424 29.59 -0.93 6.67
N PHE A 425 28.83 0.12 6.43
CA PHE A 425 27.51 0.02 5.85
C PHE A 425 27.41 1.08 4.77
N LEU A 426 26.52 0.85 3.81
CA LEU A 426 26.40 1.65 2.61
C LEU A 426 24.94 1.92 2.36
N LEU A 427 24.61 3.15 1.98
CA LEU A 427 23.32 3.50 1.43
C LEU A 427 23.66 3.98 0.02
N ASP A 428 23.37 3.17 -0.98
CA ASP A 428 23.79 3.39 -2.35
C ASP A 428 22.60 3.84 -3.18
N HIS A 429 22.65 5.10 -3.63
CA HIS A 429 21.62 5.67 -4.49
C HIS A 429 22.27 6.12 -5.79
N HIS A 430 23.31 5.42 -6.20
CA HIS A 430 24.06 5.82 -7.37
C HIS A 430 23.40 5.33 -8.66
N ASP A 431 23.15 4.02 -8.76
CA ASP A 431 22.70 3.42 -10.04
C ASP A 431 21.32 3.75 -10.65
N PRO A 432 20.19 3.72 -9.93
CA PRO A 432 18.90 4.01 -10.60
C PRO A 432 18.82 5.39 -11.23
N ILE A 433 19.43 6.42 -10.63
CA ILE A 433 19.27 7.77 -11.17
C ILE A 433 20.31 8.16 -12.21
N MET A 434 21.46 7.50 -12.18
CA MET A 434 22.57 7.88 -13.05
C MET A 434 22.30 7.99 -14.53
N PRO A 435 21.64 6.97 -15.13
CA PRO A 435 21.29 7.01 -16.57
C PRO A 435 20.34 8.13 -16.93
N TYR A 436 19.59 8.65 -15.96
CA TYR A 436 18.65 9.74 -16.17
C TYR A 436 19.11 11.12 -15.68
N LEU A 437 20.26 11.18 -14.99
CA LEU A 437 20.77 12.42 -14.42
C LEU A 437 20.94 13.59 -15.40
N ARG A 438 21.49 13.32 -16.59
CA ARG A 438 21.71 14.38 -17.56
C ARG A 438 20.35 15.00 -17.98
N ARG A 439 19.31 14.17 -18.15
CA ARG A 439 17.97 14.67 -18.46
C ARG A 439 17.28 15.44 -17.32
N ILE A 440 17.37 14.88 -16.12
CA ILE A 440 16.85 15.49 -14.91
C ILE A 440 17.47 16.89 -14.64
N ASN A 441 18.79 17.03 -14.86
CA ASN A 441 19.49 18.27 -14.54
C ASN A 441 19.34 19.33 -15.64
N ALA A 442 18.67 18.97 -16.72
CA ALA A 442 18.28 19.90 -17.77
C ALA A 442 16.91 20.56 -17.48
N THR A 443 16.26 20.16 -16.39
CA THR A 443 15.04 20.83 -16.00
C THR A 443 15.38 21.83 -14.89
N SER A 444 14.37 22.19 -14.10
CA SER A 444 14.57 23.11 -12.98
C SER A 444 15.19 22.38 -11.79
N THR A 445 15.08 21.06 -11.78
CA THR A 445 15.74 20.21 -10.82
C THR A 445 17.25 20.13 -11.07
N LYS A 446 18.03 20.11 -9.99
CA LYS A 446 19.47 19.87 -10.01
C LYS A 446 19.76 18.84 -8.92
N ALA A 447 20.20 17.66 -9.33
CA ALA A 447 20.38 16.50 -8.45
C ALA A 447 21.76 15.86 -8.57
N TYR A 448 22.06 14.94 -7.65
CA TYR A 448 23.30 14.18 -7.70
C TYR A 448 22.94 12.72 -7.54
N ALA A 449 23.84 11.83 -7.95
CA ALA A 449 23.74 10.42 -7.62
C ALA A 449 24.60 10.29 -6.39
N THR A 450 24.11 9.68 -5.33
CA THR A 450 24.85 9.71 -4.08
C THR A 450 25.16 8.34 -3.50
N ARG A 451 26.22 8.30 -2.70
CA ARG A 451 26.53 7.16 -1.85
C ARG A 451 26.85 7.67 -0.46
N THR A 452 26.47 6.92 0.56
CA THR A 452 26.80 7.32 1.94
C THR A 452 27.40 6.12 2.62
N ILE A 453 28.52 6.31 3.33
CA ILE A 453 29.13 5.24 4.06
C ILE A 453 28.97 5.49 5.54
N LEU A 454 28.53 4.46 6.26
CA LEU A 454 28.23 4.57 7.67
C LEU A 454 29.02 3.58 8.50
N PHE A 455 29.36 3.95 9.74
CA PHE A 455 30.20 3.16 10.67
C PHE A 455 29.36 2.87 11.88
N LEU A 456 29.29 1.59 12.27
CA LEU A 456 28.62 1.20 13.51
C LEU A 456 29.55 1.50 14.66
N LYS A 457 29.16 2.45 15.49
CA LYS A 457 29.95 2.79 16.65
C LYS A 457 29.83 1.75 17.76
N ASN A 458 30.72 1.91 18.73
CA ASN A 458 30.79 1.10 19.95
C ASN A 458 29.52 1.14 20.79
N ASP A 459 28.82 2.28 20.76
CA ASP A 459 27.58 2.49 21.50
C ASP A 459 26.34 1.91 20.80
N GLY A 460 26.57 1.25 19.67
CA GLY A 460 25.54 0.59 18.92
C GLY A 460 24.78 1.44 17.92
N THR A 461 25.17 2.72 17.82
CA THR A 461 24.53 3.62 16.86
C THR A 461 25.40 3.76 15.62
N LEU A 462 24.79 4.24 14.56
CA LEU A 462 25.42 4.39 13.27
C LEU A 462 25.85 5.83 13.12
N ARG A 463 26.94 6.07 12.38
CA ARG A 463 27.46 7.41 12.16
C ARG A 463 27.83 7.55 10.67
N PRO A 464 27.33 8.59 9.96
CA PRO A 464 27.76 8.85 8.57
C PRO A 464 29.20 9.31 8.51
N LEU A 465 29.99 8.69 7.65
CA LEU A 465 31.41 8.96 7.62
C LEU A 465 31.81 9.77 6.41
N ALA A 466 31.21 9.46 5.25
CA ALA A 466 31.50 10.19 4.02
C ALA A 466 30.28 10.20 3.11
N ILE A 467 30.08 11.29 2.36
CA ILE A 467 29.01 11.33 1.37
C ILE A 467 29.63 11.63 0.02
N GLU A 468 29.35 10.77 -0.95
CA GLU A 468 29.82 10.93 -2.32
C GLU A 468 28.71 11.51 -3.18
N LEU A 469 28.96 12.66 -3.80
CA LEU A 469 28.04 13.26 -4.76
C LEU A 469 28.59 13.09 -6.21
N SER A 470 27.81 12.45 -7.06
CA SER A 470 28.27 12.19 -8.41
C SER A 470 27.35 12.75 -9.47
N LEU A 471 28.00 13.26 -10.51
CA LEU A 471 27.39 13.83 -11.69
C LEU A 471 27.80 13.00 -12.89
N PRO A 472 27.00 13.02 -13.95
CA PRO A 472 27.36 12.30 -15.17
C PRO A 472 28.66 12.73 -15.85
N HIS A 473 28.64 13.85 -16.55
CA HIS A 473 29.68 13.97 -17.55
C HIS A 473 30.24 15.30 -17.88
N PRO A 474 31.49 15.45 -17.49
CA PRO A 474 32.37 16.45 -18.08
C PRO A 474 32.37 16.14 -19.58
N GLN A 475 32.94 15.00 -19.98
CA GLN A 475 33.14 14.74 -21.41
C GLN A 475 32.49 13.46 -21.98
N GLY A 476 31.31 13.11 -21.49
CA GLY A 476 30.58 11.98 -22.03
C GLY A 476 30.40 10.85 -21.04
N ASP A 477 29.45 9.97 -21.31
CA ASP A 477 29.08 8.93 -20.34
C ASP A 477 30.05 7.78 -20.25
N GLN A 478 30.80 7.59 -21.33
CA GLN A 478 31.84 6.60 -21.40
C GLN A 478 33.00 7.03 -20.52
N SER A 479 33.04 8.31 -20.14
CA SER A 479 34.10 8.85 -19.29
C SER A 479 33.85 8.71 -17.77
N GLY A 480 32.85 7.94 -17.37
CA GLY A 480 32.69 7.63 -15.95
C GLY A 480 31.81 8.54 -15.12
N ALA A 481 32.18 8.74 -13.87
CA ALA A 481 31.45 9.67 -12.99
C ALA A 481 32.36 10.79 -12.63
N PHE A 482 31.79 11.98 -12.60
CA PHE A 482 32.44 13.10 -11.97
C PHE A 482 31.98 13.08 -10.52
N SER A 483 32.89 12.74 -9.59
CA SER A 483 32.53 12.63 -8.17
C SER A 483 33.27 13.57 -7.25
N GLN A 484 32.56 13.99 -6.19
CA GLN A 484 33.11 14.80 -5.12
C GLN A 484 32.74 14.15 -3.78
N VAL A 485 33.63 14.27 -2.79
CA VAL A 485 33.45 13.63 -1.50
C VAL A 485 33.42 14.64 -0.34
N PHE A 486 32.44 14.46 0.55
CA PHE A 486 32.18 15.38 1.66
C PHE A 486 32.22 14.63 2.97
N LEU A 487 32.79 15.30 3.96
CA LEU A 487 33.11 14.69 5.25
C LEU A 487 32.35 15.45 6.32
N PRO A 488 32.01 14.78 7.44
CA PRO A 488 31.25 15.41 8.52
C PRO A 488 32.02 16.52 9.17
N ALA A 489 31.29 17.54 9.61
CA ALA A 489 31.88 18.71 10.26
C ALA A 489 30.80 19.35 11.15
N ASP A 490 31.18 19.91 12.28
CA ASP A 490 30.17 20.45 13.20
C ASP A 490 30.26 21.97 13.40
N GLU A 491 31.27 22.59 12.81
CA GLU A 491 31.45 24.02 12.97
C GLU A 491 31.56 24.72 11.63
N GLY A 492 31.18 26.00 11.61
CA GLY A 492 31.45 26.91 10.50
C GLY A 492 30.73 26.60 9.20
N VAL A 493 31.30 27.08 8.09
CA VAL A 493 30.71 26.85 6.75
C VAL A 493 30.73 25.38 6.33
N GLU A 494 31.73 24.64 6.84
CA GLU A 494 31.88 23.22 6.54
C GLU A 494 30.75 22.38 7.11
N SER A 495 30.18 22.81 8.24
CA SER A 495 28.98 22.16 8.79
C SER A 495 27.71 22.42 7.95
N SER A 496 27.69 23.56 7.26
CA SER A 496 26.56 23.94 6.43
C SER A 496 26.60 23.22 5.12
N ILE A 497 27.83 22.99 4.62
CA ILE A 497 28.07 22.18 3.45
C ILE A 497 27.63 20.73 3.70
N TRP A 498 28.01 20.21 4.86
CA TRP A 498 27.69 18.83 5.25
C TRP A 498 26.16 18.57 5.38
N LEU A 499 25.44 19.57 5.88
CA LEU A 499 23.98 19.50 5.96
C LEU A 499 23.34 19.50 4.57
N LEU A 500 23.93 20.21 3.63
CA LEU A 500 23.45 20.20 2.27
C LEU A 500 23.74 18.84 1.60
N ALA A 501 24.94 18.31 1.85
CA ALA A 501 25.33 16.97 1.34
C ALA A 501 24.37 15.92 1.81
N LYS A 502 23.94 16.07 3.07
CA LYS A 502 22.95 15.19 3.65
C LYS A 502 21.61 15.36 2.95
N ALA A 503 21.24 16.61 2.65
CA ALA A 503 19.99 16.85 1.95
C ALA A 503 19.98 16.22 0.56
N TYR A 504 21.12 16.20 -0.14
CA TYR A 504 21.18 15.60 -1.48
C TYR A 504 20.96 14.09 -1.44
N VAL A 505 21.50 13.44 -0.42
CA VAL A 505 21.24 12.03 -0.16
C VAL A 505 19.74 11.81 0.12
N VAL A 506 19.17 12.65 0.98
CA VAL A 506 17.78 12.42 1.42
C VAL A 506 16.78 12.63 0.28
N VAL A 507 17.11 13.58 -0.57
CA VAL A 507 16.36 13.81 -1.78
C VAL A 507 16.34 12.54 -2.72
N ASN A 508 17.49 11.88 -2.87
CA ASN A 508 17.57 10.59 -3.56
C ASN A 508 16.70 9.58 -2.86
N ASP A 509 16.81 9.52 -1.53
CA ASP A 509 16.11 8.51 -0.72
C ASP A 509 14.57 8.61 -0.72
N SER A 510 14.08 9.84 -0.56
CA SER A 510 12.67 10.15 -0.61
C SER A 510 12.02 9.75 -1.93
N CYS A 511 12.72 10.01 -3.04
CA CYS A 511 12.18 9.63 -4.36
C CYS A 511 12.20 8.11 -4.58
N TYR A 512 13.32 7.46 -4.23
CA TYR A 512 13.38 5.99 -4.24
C TYR A 512 12.28 5.40 -3.33
N HIS A 513 12.15 5.91 -2.11
CA HIS A 513 11.10 5.45 -1.19
C HIS A 513 9.70 5.56 -1.83
N GLN A 514 9.37 6.70 -2.40
CA GLN A 514 8.03 6.91 -2.93
C GLN A 514 7.67 5.98 -4.07
N LEU A 515 8.58 5.88 -5.04
CA LEU A 515 8.37 5.14 -6.28
C LEU A 515 8.63 3.61 -6.16
N VAL A 516 9.64 3.22 -5.39
CA VAL A 516 10.04 1.84 -5.31
C VAL A 516 9.64 1.18 -4.01
N SER A 517 10.14 1.68 -2.89
CA SER A 517 9.83 1.06 -1.60
C SER A 517 8.30 1.04 -1.33
N HIS A 518 7.63 2.09 -1.74
CA HIS A 518 6.20 2.20 -1.45
C HIS A 518 5.41 1.78 -2.71
N TRP A 519 5.48 2.57 -3.79
CA TRP A 519 4.65 2.30 -4.97
C TRP A 519 4.91 0.93 -5.65
N LEU A 520 6.15 0.65 -6.09
CA LEU A 520 6.42 -0.55 -6.85
C LEU A 520 6.28 -1.81 -5.97
N ASN A 521 6.91 -1.77 -4.80
CA ASN A 521 7.13 -2.97 -4.01
C ASN A 521 5.90 -3.38 -3.24
N THR A 522 4.93 -2.48 -3.04
CA THR A 522 3.71 -2.89 -2.37
C THR A 522 2.56 -2.82 -3.34
N HIS A 523 2.02 -1.60 -3.52
CA HIS A 523 0.92 -1.32 -4.49
C HIS A 523 0.97 -2.04 -5.83
N ALA A 524 2.04 -1.86 -6.63
CA ALA A 524 2.01 -2.33 -8.04
C ALA A 524 2.21 -3.83 -8.13
N VAL A 525 3.08 -4.37 -7.31
CA VAL A 525 3.45 -5.76 -7.35
C VAL A 525 2.33 -6.71 -6.81
N VAL A 526 1.50 -6.17 -5.93
CA VAL A 526 0.39 -6.93 -5.33
C VAL A 526 -0.82 -7.04 -6.24
N GLU A 527 -1.11 -6.02 -7.02
CA GLU A 527 -2.32 -6.02 -7.84
C GLU A 527 -2.52 -7.25 -8.77
N PRO A 528 -1.52 -7.74 -9.51
CA PRO A 528 -1.73 -8.98 -10.30
C PRO A 528 -2.11 -10.21 -9.44
N PHE A 529 -1.63 -10.32 -8.20
CA PHE A 529 -2.08 -11.40 -7.32
C PHE A 529 -3.61 -11.35 -6.99
N ILE A 530 -4.16 -10.16 -6.83
CA ILE A 530 -5.60 -10.00 -6.58
C ILE A 530 -6.44 -10.47 -7.79
N ILE A 531 -5.97 -10.07 -8.96
CA ILE A 531 -6.58 -10.44 -10.24
C ILE A 531 -6.50 -11.95 -10.45
N ALA A 532 -5.31 -12.57 -10.29
CA ALA A 532 -5.18 -14.02 -10.46
C ALA A 532 -6.04 -14.81 -9.47
N THR A 533 -6.05 -14.39 -8.21
CA THR A 533 -6.87 -14.99 -7.16
C THR A 533 -8.37 -15.01 -7.52
N ASN A 534 -8.93 -13.88 -7.95
CA ASN A 534 -10.39 -13.80 -8.19
C ASN A 534 -10.82 -14.55 -9.47
N ARG A 535 -9.92 -14.55 -10.42
CA ARG A 535 -10.08 -15.22 -11.69
C ARG A 535 -10.08 -16.73 -11.57
N HIS A 536 -9.33 -17.25 -10.60
CA HIS A 536 -9.06 -18.68 -10.64
C HIS A 536 -9.38 -19.45 -9.37
N LEU A 537 -9.56 -18.77 -8.25
CA LEU A 537 -9.85 -19.50 -7.03
C LEU A 537 -11.27 -19.15 -6.67
N SER A 538 -12.13 -20.15 -6.50
CA SER A 538 -13.50 -19.89 -6.07
C SER A 538 -13.53 -19.20 -4.72
N VAL A 539 -14.56 -18.41 -4.42
CA VAL A 539 -14.77 -17.83 -3.07
C VAL A 539 -14.80 -18.89 -1.98
N VAL A 540 -15.08 -20.10 -2.39
CA VAL A 540 -15.22 -21.24 -1.52
C VAL A 540 -13.86 -21.90 -1.22
N HIS A 541 -12.84 -21.61 -2.04
CA HIS A 541 -11.50 -22.23 -1.90
C HIS A 541 -10.79 -21.80 -0.62
N PRO A 542 -10.16 -22.71 0.12
CA PRO A 542 -9.45 -22.30 1.37
C PRO A 542 -8.44 -21.18 1.22
N ILE A 543 -7.71 -21.19 0.12
CA ILE A 543 -6.60 -20.25 -0.07
C ILE A 543 -7.13 -18.89 -0.47
N TYR A 544 -8.29 -18.89 -1.15
CA TYR A 544 -9.05 -17.65 -1.39
C TYR A 544 -9.39 -16.98 -0.06
N LYS A 545 -9.86 -17.74 0.92
CA LYS A 545 -10.22 -17.18 2.22
C LYS A 545 -9.02 -16.71 3.01
N LEU A 546 -7.87 -17.34 2.80
CA LEU A 546 -6.65 -17.00 3.52
C LEU A 546 -6.16 -15.63 3.04
N LEU A 547 -6.28 -15.42 1.71
CA LEU A 547 -5.71 -14.27 1.07
C LEU A 547 -6.66 -13.06 1.02
N HIS A 548 -7.97 -13.31 0.91
CA HIS A 548 -8.97 -12.24 0.67
C HIS A 548 -8.92 -10.99 1.57
N PRO A 549 -8.79 -11.08 2.92
CA PRO A 549 -8.70 -9.85 3.74
C PRO A 549 -7.50 -9.00 3.38
N HIS A 550 -6.48 -9.60 2.79
CA HIS A 550 -5.27 -8.89 2.46
C HIS A 550 -5.27 -8.07 1.18
N TYR A 551 -6.42 -8.07 0.51
CA TYR A 551 -6.59 -7.39 -0.72
C TYR A 551 -7.56 -6.21 -0.58
N ARG A 552 -8.09 -5.97 0.61
CA ARG A 552 -9.17 -5.00 0.78
C ARG A 552 -8.79 -3.57 0.32
N ASP A 553 -9.56 -3.07 -0.65
CA ASP A 553 -9.45 -1.70 -1.19
C ASP A 553 -8.18 -1.46 -2.03
N THR A 554 -7.38 -2.49 -2.31
CA THR A 554 -6.10 -2.25 -3.00
C THR A 554 -6.28 -1.78 -4.43
N MET A 555 -7.15 -2.47 -5.18
CA MET A 555 -7.48 -2.06 -6.55
C MET A 555 -8.07 -0.64 -6.64
N ASN A 556 -8.81 -0.23 -5.60
CA ASN A 556 -9.36 1.11 -5.46
C ASN A 556 -8.29 2.17 -5.29
N ILE A 557 -7.40 2.02 -4.30
CA ILE A 557 -6.31 3.00 -4.16
C ILE A 557 -5.36 2.97 -5.38
N ASN A 558 -5.17 1.82 -6.03
CA ASN A 558 -4.32 1.80 -7.21
C ASN A 558 -4.96 2.47 -8.40
N GLY A 559 -6.29 2.39 -8.49
CA GLY A 559 -6.99 3.01 -9.61
C GLY A 559 -6.90 4.52 -9.46
N LEU A 560 -7.03 4.97 -8.20
CA LEU A 560 -6.89 6.37 -7.87
C LEU A 560 -5.45 6.90 -8.11
N ALA A 561 -4.47 6.05 -7.82
CA ALA A 561 -3.08 6.41 -8.10
C ALA A 561 -2.83 6.62 -9.61
N ARG A 562 -3.41 5.75 -10.45
CA ARG A 562 -3.31 5.90 -11.94
C ARG A 562 -3.94 7.19 -12.47
N LEU A 563 -4.99 7.63 -11.79
CA LEU A 563 -5.67 8.85 -12.16
C LEU A 563 -4.97 10.09 -11.61
N SER A 564 -4.52 10.05 -10.38
CA SER A 564 -4.17 11.32 -9.71
C SER A 564 -2.76 11.35 -9.17
N LEU A 565 -2.15 10.20 -8.97
CA LEU A 565 -0.87 10.23 -8.30
C LEU A 565 0.34 10.06 -9.20
N VAL A 566 0.25 9.13 -10.14
CA VAL A 566 1.41 8.62 -10.87
C VAL A 566 1.23 8.90 -12.41
N ASN A 567 0.16 9.63 -12.72
CA ASN A 567 -0.18 10.11 -14.06
C ASN A 567 0.68 11.30 -14.50
N ASP A 568 0.57 11.61 -15.77
CA ASP A 568 1.34 12.68 -16.37
C ASP A 568 0.97 14.03 -15.73
N GLY A 569 1.97 14.70 -15.17
CA GLY A 569 1.75 15.95 -14.47
C GLY A 569 1.00 15.80 -13.14
N GLY A 570 0.91 14.57 -12.61
CA GLY A 570 0.19 14.33 -11.37
C GLY A 570 1.02 14.67 -10.14
N VAL A 571 0.57 14.33 -8.93
CA VAL A 571 1.32 14.78 -7.72
C VAL A 571 2.77 14.29 -7.61
N ILE A 572 3.05 13.05 -7.99
CA ILE A 572 4.40 12.50 -7.88
C ILE A 572 5.41 13.15 -8.84
N GLU A 573 5.03 13.35 -10.10
CA GLU A 573 5.90 14.04 -11.05
C GLU A 573 6.21 15.49 -10.65
N GLN A 574 5.25 16.18 -10.00
CA GLN A 574 5.45 17.58 -9.64
C GLN A 574 6.24 17.71 -8.35
N THR A 575 6.25 16.67 -7.52
CA THR A 575 6.73 16.81 -6.16
C THR A 575 8.09 16.14 -5.96
N PHE A 576 8.38 15.07 -6.69
CA PHE A 576 9.58 14.29 -6.36
C PHE A 576 10.71 14.43 -7.37
N LEU A 577 11.92 14.09 -6.94
CA LEU A 577 13.14 14.32 -7.71
C LEU A 577 13.14 13.83 -9.19
N TRP A 578 12.63 12.63 -9.43
CA TRP A 578 12.72 12.02 -10.79
C TRP A 578 11.77 12.62 -11.80
N GLY A 579 10.77 13.35 -11.32
CA GLY A 579 10.04 14.23 -12.21
C GLY A 579 9.25 13.44 -13.22
N ARG A 580 9.40 13.78 -14.51
CA ARG A 580 8.66 13.11 -15.57
C ARG A 580 9.12 11.69 -15.86
N TYR A 581 10.24 11.28 -15.28
CA TYR A 581 10.80 9.97 -15.51
C TYR A 581 10.46 9.04 -14.37
N SER A 582 9.65 9.51 -13.42
CA SER A 582 9.45 8.81 -12.16
C SER A 582 8.99 7.38 -12.31
N VAL A 583 7.93 7.17 -13.08
CA VAL A 583 7.34 5.81 -13.18
C VAL A 583 8.16 4.89 -14.08
N GLU A 584 8.71 5.41 -15.16
CA GLU A 584 9.71 4.68 -15.99
C GLU A 584 10.84 4.13 -15.19
N MET A 585 11.42 4.97 -14.36
CA MET A 585 12.58 4.55 -13.59
C MET A 585 12.22 3.45 -12.63
N SER A 586 11.00 3.47 -12.10
CA SER A 586 10.55 2.37 -11.25
C SER A 586 10.40 1.05 -12.04
N ALA A 587 10.16 1.14 -13.34
CA ALA A 587 10.10 -0.03 -14.18
C ALA A 587 11.51 -0.56 -14.39
N VAL A 588 12.48 0.35 -14.54
CA VAL A 588 13.88 -0.08 -14.60
C VAL A 588 14.32 -0.80 -13.32
N VAL A 589 13.85 -0.34 -12.14
CA VAL A 589 14.18 -0.98 -10.87
C VAL A 589 13.50 -2.35 -10.77
N TYR A 590 12.28 -2.45 -11.31
CA TYR A 590 11.54 -3.70 -11.36
C TYR A 590 12.29 -4.83 -12.08
N LYS A 591 13.19 -4.50 -13.04
CA LYS A 591 14.06 -5.52 -13.67
C LYS A 591 14.83 -6.36 -12.66
N ASP A 592 15.13 -5.75 -11.53
CA ASP A 592 15.85 -6.41 -10.47
C ASP A 592 14.95 -6.95 -9.35
N TRP A 593 13.62 -6.79 -9.47
CA TRP A 593 12.74 -7.28 -8.42
C TRP A 593 12.66 -8.80 -8.40
N VAL A 594 12.91 -9.41 -7.24
CA VAL A 594 12.64 -10.84 -7.15
C VAL A 594 11.71 -11.22 -5.98
N PHE A 595 10.63 -11.93 -6.33
CA PHE A 595 9.52 -12.25 -5.41
C PHE A 595 10.01 -12.91 -4.11
N THR A 596 10.84 -13.92 -4.23
CA THR A 596 11.33 -14.63 -3.03
C THR A 596 12.30 -13.83 -2.19
N ASP A 597 12.91 -12.77 -2.71
CA ASP A 597 13.72 -11.91 -1.86
C ASP A 597 12.90 -10.86 -1.10
N GLN A 598 11.59 -10.78 -1.34
CA GLN A 598 10.72 -9.89 -0.55
C GLN A 598 10.36 -10.45 0.83
N ALA A 599 10.56 -11.77 1.02
CA ALA A 599 10.44 -12.40 2.32
C ALA A 599 11.43 -11.67 3.25
N LEU A 600 10.98 -11.20 4.41
CA LEU A 600 11.90 -10.47 5.32
C LEU A 600 13.29 -11.10 5.60
N PRO A 601 13.40 -12.38 5.98
CA PRO A 601 14.74 -12.97 6.20
C PRO A 601 15.60 -13.02 4.96
N ALA A 602 15.03 -13.26 3.78
CA ALA A 602 15.80 -13.25 2.54
C ALA A 602 16.35 -11.84 2.22
N ASP A 603 15.56 -10.84 2.52
CA ASP A 603 15.95 -9.45 2.24
C ASP A 603 17.13 -9.04 3.13
N LEU A 604 17.02 -9.38 4.41
CA LEU A 604 18.06 -9.04 5.40
C LEU A 604 19.39 -9.71 5.03
N ILE A 605 19.32 -10.99 4.68
CA ILE A 605 20.47 -11.75 4.20
C ILE A 605 21.08 -11.19 2.91
N LYS A 606 20.23 -10.81 1.94
CA LYS A 606 20.66 -10.34 0.63
C LYS A 606 21.45 -9.03 0.76
N ARG A 607 21.05 -8.21 1.72
CA ARG A 607 21.70 -6.93 2.00
C ARG A 607 22.84 -7.07 3.03
N GLY A 608 23.15 -8.28 3.49
CA GLY A 608 24.26 -8.47 4.42
C GLY A 608 24.02 -8.01 5.86
N MET A 609 22.76 -7.73 6.18
CA MET A 609 22.37 -7.21 7.49
C MET A 609 22.06 -8.36 8.47
N ALA A 610 22.01 -9.58 7.94
CA ALA A 610 21.84 -10.75 8.79
C ALA A 610 22.65 -11.90 8.22
N ILE A 611 23.05 -12.83 9.10
CA ILE A 611 23.66 -14.08 8.67
C ILE A 611 22.81 -15.23 9.24
N GLU A 612 22.67 -16.32 8.49
CA GLU A 612 21.98 -17.50 9.01
C GLU A 612 22.72 -18.07 10.22
N ASP A 613 21.94 -18.46 11.22
CA ASP A 613 22.42 -18.88 12.53
C ASP A 613 21.27 -19.55 13.26
N PRO A 614 21.26 -20.88 13.33
CA PRO A 614 20.20 -21.61 14.07
C PRO A 614 20.23 -21.44 15.61
N SER A 615 21.33 -20.93 16.15
CA SER A 615 21.41 -20.57 17.57
C SER A 615 20.51 -19.38 17.99
N CYS A 616 19.89 -18.72 17.01
CA CYS A 616 19.19 -17.44 17.21
C CYS A 616 17.66 -17.50 17.03
N PRO A 617 16.94 -16.73 17.86
CA PRO A 617 15.46 -16.64 17.88
C PRO A 617 14.63 -16.75 16.59
N HIS A 618 15.09 -16.16 15.49
CA HIS A 618 14.34 -16.32 14.26
C HIS A 618 15.20 -17.04 13.20
N GLY A 619 16.26 -17.73 13.65
CA GLY A 619 17.10 -18.50 12.75
C GLY A 619 18.15 -17.68 12.01
N ILE A 620 18.18 -16.37 12.27
CA ILE A 620 19.21 -15.50 11.70
C ILE A 620 19.85 -14.62 12.78
N ARG A 621 21.11 -14.26 12.58
CA ARG A 621 21.80 -13.34 13.46
C ARG A 621 21.96 -12.00 12.74
N LEU A 622 21.46 -10.93 13.37
CA LEU A 622 21.55 -9.59 12.80
C LEU A 622 22.93 -9.02 13.01
N VAL A 623 23.40 -8.24 12.05
CA VAL A 623 24.72 -7.63 12.22
C VAL A 623 24.61 -6.32 13.00
N ILE A 624 23.49 -5.62 12.86
CA ILE A 624 23.17 -4.51 13.75
C ILE A 624 22.01 -5.01 14.58
N GLU A 625 22.30 -5.25 15.87
CA GLU A 625 21.30 -5.76 16.81
C GLU A 625 20.09 -4.82 16.98
N ASP A 626 20.39 -3.53 17.13
CA ASP A 626 19.38 -2.49 17.36
C ASP A 626 18.96 -1.89 16.01
N TYR A 627 18.24 -2.70 15.25
CA TYR A 627 17.75 -2.32 13.93
C TYR A 627 16.23 -2.50 14.02
N PRO A 628 15.55 -1.43 14.43
CA PRO A 628 14.16 -1.56 14.86
C PRO A 628 13.22 -2.15 13.81
N TYR A 629 13.30 -1.70 12.57
CA TYR A 629 12.49 -2.28 11.50
C TYR A 629 12.63 -3.80 11.40
N THR A 630 13.86 -4.27 11.49
CA THR A 630 14.16 -5.63 11.22
C THR A 630 13.84 -6.54 12.43
N VAL A 631 14.23 -6.13 13.66
CA VAL A 631 13.93 -6.95 14.83
C VAL A 631 12.43 -7.03 15.13
N ASP A 632 11.71 -5.93 14.91
CA ASP A 632 10.26 -5.92 15.10
C ASP A 632 9.62 -6.67 13.93
N GLY A 633 10.11 -6.42 12.71
CA GLY A 633 9.55 -7.08 11.51
C GLY A 633 9.63 -8.60 11.55
N LEU A 634 10.73 -9.12 12.10
CA LEU A 634 10.94 -10.55 12.20
C LEU A 634 9.90 -11.23 13.12
N GLU A 635 9.44 -10.54 14.17
CA GLU A 635 8.35 -11.06 15.02
C GLU A 635 7.06 -11.19 14.23
N ILE A 636 6.74 -10.19 13.43
CA ILE A 636 5.50 -10.21 12.66
C ILE A 636 5.60 -11.18 11.47
N TRP A 637 6.77 -11.22 10.82
CA TRP A 637 7.03 -12.17 9.72
C TRP A 637 6.83 -13.64 10.20
N ASP A 638 7.41 -13.94 11.35
CA ASP A 638 7.32 -15.28 11.91
C ASP A 638 5.88 -15.63 12.37
N ALA A 639 5.15 -14.63 12.88
CA ALA A 639 3.74 -14.82 13.23
C ALA A 639 2.91 -15.11 11.97
N ILE A 640 3.15 -14.34 10.91
CA ILE A 640 2.45 -14.57 9.64
C ILE A 640 2.74 -15.95 9.06
N LYS A 641 4.02 -16.33 9.02
CA LYS A 641 4.42 -17.59 8.39
C LYS A 641 3.89 -18.82 9.16
N THR A 642 3.78 -18.71 10.48
CA THR A 642 3.24 -19.78 11.35
C THR A 642 1.74 -19.95 11.09
N TRP A 643 1.03 -18.83 11.04
CA TRP A 643 -0.39 -18.82 10.69
C TRP A 643 -0.67 -19.46 9.32
N VAL A 644 0.03 -19.00 8.29
CA VAL A 644 -0.05 -19.57 6.95
C VAL A 644 0.25 -21.09 6.90
N HIS A 645 1.35 -21.52 7.52
CA HIS A 645 1.66 -22.93 7.63
C HIS A 645 0.54 -23.78 8.29
N GLU A 646 0.06 -23.36 9.48
CA GLU A 646 -1.03 -24.07 10.18
C GLU A 646 -2.24 -24.17 9.26
N TYR A 647 -2.58 -23.03 8.66
CA TYR A 647 -3.73 -22.99 7.78
C TYR A 647 -3.62 -23.91 6.54
N VAL A 648 -2.53 -23.76 5.77
CA VAL A 648 -2.34 -24.56 4.55
C VAL A 648 -2.40 -26.08 4.86
N PHE A 649 -1.79 -26.47 5.97
CA PHE A 649 -1.72 -27.87 6.38
C PHE A 649 -3.00 -28.39 7.02
N LEU A 650 -3.98 -27.54 7.31
CA LEU A 650 -5.32 -28.08 7.57
C LEU A 650 -5.98 -28.65 6.28
N TYR A 651 -5.57 -28.14 5.11
CA TYR A 651 -6.35 -28.43 3.91
C TYR A 651 -5.66 -29.36 2.95
N TYR A 652 -4.34 -29.31 2.91
CA TYR A 652 -3.65 -30.16 1.94
C TYR A 652 -2.99 -31.36 2.61
N LYS A 653 -3.50 -32.54 2.33
CA LYS A 653 -3.06 -33.76 3.00
C LYS A 653 -1.64 -34.24 2.62
N SER A 654 -1.18 -33.83 1.43
CA SER A 654 0.12 -34.25 0.89
C SER A 654 0.52 -33.24 -0.18
N ASP A 655 1.73 -33.33 -0.71
CA ASP A 655 2.10 -32.41 -1.79
C ASP A 655 1.30 -32.73 -3.06
N ASP A 656 0.94 -34.01 -3.23
CA ASP A 656 0.09 -34.45 -4.34
C ASP A 656 -1.28 -33.78 -4.40
N THR A 657 -1.89 -33.54 -3.24
CA THR A 657 -3.20 -32.91 -3.27
C THR A 657 -3.09 -31.44 -3.73
N LEU A 658 -1.94 -30.84 -3.48
CA LEU A 658 -1.63 -29.52 -3.98
C LEU A 658 -1.39 -29.55 -5.49
N ARG A 659 -0.57 -30.49 -5.96
CA ARG A 659 -0.36 -30.67 -7.41
C ARG A 659 -1.67 -30.97 -8.16
N GLU A 660 -2.60 -31.68 -7.52
CA GLU A 660 -3.88 -32.02 -8.13
C GLU A 660 -4.95 -30.93 -8.08
N ASP A 661 -4.67 -29.81 -7.43
CA ASP A 661 -5.66 -28.77 -7.30
C ASP A 661 -5.68 -27.89 -8.57
N PRO A 662 -6.69 -27.99 -9.43
CA PRO A 662 -6.69 -27.23 -10.71
C PRO A 662 -6.87 -25.72 -10.57
N GLU A 663 -7.58 -25.26 -9.52
CA GLU A 663 -7.79 -23.84 -9.28
C GLU A 663 -6.51 -23.16 -8.82
N LEU A 664 -5.82 -23.75 -7.83
CA LEU A 664 -4.57 -23.20 -7.37
C LEU A 664 -3.49 -23.23 -8.47
N GLN A 665 -3.43 -24.34 -9.20
CA GLN A 665 -2.44 -24.48 -10.26
C GLN A 665 -2.67 -23.46 -11.40
N ALA A 666 -3.93 -23.21 -11.75
CA ALA A 666 -4.25 -22.26 -12.81
C ALA A 666 -4.03 -20.82 -12.37
N CYS A 667 -4.26 -20.56 -11.08
CA CYS A 667 -4.03 -19.26 -10.48
C CYS A 667 -2.56 -18.86 -10.61
N TRP A 668 -1.71 -19.74 -10.12
CA TRP A 668 -0.29 -19.50 -10.13
C TRP A 668 0.35 -19.51 -11.50
N LYS A 669 -0.14 -20.38 -12.38
CA LYS A 669 0.33 -20.35 -13.74
C LYS A 669 0.00 -18.99 -14.42
N GLU A 670 -1.19 -18.49 -14.19
CA GLU A 670 -1.54 -17.21 -14.78
C GLU A 670 -0.83 -16.02 -14.09
N LEU A 671 -0.60 -16.16 -12.80
CA LEU A 671 0.17 -15.13 -12.07
C LEU A 671 1.58 -14.93 -12.68
N VAL A 672 2.30 -16.03 -12.89
CA VAL A 672 3.66 -15.99 -13.40
C VAL A 672 3.66 -15.63 -14.89
N GLU A 673 2.76 -16.22 -15.67
CA GLU A 673 2.85 -16.06 -17.11
C GLU A 673 2.21 -14.80 -17.64
N VAL A 674 1.29 -14.21 -16.88
CA VAL A 674 0.56 -13.07 -17.36
C VAL A 674 0.68 -11.89 -16.37
N GLY A 675 0.21 -12.08 -15.14
CA GLY A 675 0.24 -11.04 -14.12
C GLY A 675 1.61 -10.40 -13.87
N HIS A 676 2.65 -11.24 -13.69
CA HIS A 676 4.01 -10.70 -13.60
C HIS A 676 4.74 -11.24 -14.82
N GLY A 677 4.01 -11.23 -15.95
CA GLY A 677 4.40 -11.94 -17.16
C GLY A 677 5.70 -11.54 -17.83
N ASP A 678 6.22 -10.33 -17.55
CA ASP A 678 7.55 -9.98 -18.06
C ASP A 678 8.70 -10.70 -17.33
N LYS A 679 8.37 -11.40 -16.25
CA LYS A 679 9.34 -12.18 -15.52
C LYS A 679 9.03 -13.65 -15.55
N LYS A 680 8.27 -14.09 -16.55
CA LYS A 680 7.81 -15.47 -16.62
C LYS A 680 8.89 -16.54 -16.75
N ASN A 681 10.07 -16.17 -17.27
CA ASN A 681 11.12 -17.15 -17.42
C ASN A 681 12.18 -17.11 -16.37
N GLU A 682 11.95 -16.32 -15.33
CA GLU A 682 12.90 -16.24 -14.24
C GLU A 682 12.90 -17.54 -13.43
N PRO A 683 14.08 -18.06 -13.07
CA PRO A 683 14.16 -19.38 -12.45
C PRO A 683 13.79 -19.40 -10.97
N TRP A 684 13.66 -18.25 -10.34
CA TRP A 684 13.35 -18.20 -8.92
C TRP A 684 11.87 -18.34 -8.53
N TRP A 685 10.95 -18.36 -9.51
CA TRP A 685 9.54 -18.53 -9.16
C TRP A 685 9.34 -19.87 -8.50
N PRO A 686 8.63 -19.90 -7.36
CA PRO A 686 8.14 -21.16 -6.81
C PRO A 686 7.36 -21.89 -7.90
N LYS A 687 7.52 -23.20 -7.92
CA LYS A 687 6.71 -24.00 -8.83
C LYS A 687 5.61 -24.36 -7.86
N MET A 688 4.41 -24.72 -8.24
CA MET A 688 3.54 -24.88 -7.03
C MET A 688 3.46 -26.38 -6.79
N GLN A 689 4.58 -27.00 -6.44
CA GLN A 689 4.65 -28.46 -6.41
C GLN A 689 4.72 -29.03 -4.99
N THR A 690 4.76 -28.14 -4.00
CA THR A 690 5.05 -28.54 -2.63
C THR A 690 4.26 -27.62 -1.67
N ARG A 691 3.73 -28.16 -0.57
CA ARG A 691 3.02 -27.31 0.40
C ARG A 691 3.94 -26.22 1.01
N GLU A 692 5.22 -26.50 1.18
CA GLU A 692 6.16 -25.51 1.67
C GLU A 692 6.30 -24.30 0.72
N GLU A 693 6.16 -24.51 -0.58
CA GLU A 693 6.25 -23.39 -1.53
C GLU A 693 5.01 -22.56 -1.49
N LEU A 694 3.86 -23.21 -1.29
CA LEU A 694 2.61 -22.48 -1.08
C LEU A 694 2.68 -21.65 0.21
N VAL A 695 3.24 -22.19 1.29
CA VAL A 695 3.36 -21.46 2.54
C VAL A 695 4.19 -20.20 2.32
N GLU A 696 5.30 -20.39 1.64
CA GLU A 696 6.24 -19.31 1.44
C GLU A 696 5.69 -18.18 0.60
N ALA A 697 5.06 -18.51 -0.54
CA ALA A 697 4.39 -17.55 -1.42
C ALA A 697 3.28 -16.77 -0.73
N CYS A 698 2.47 -17.51 0.06
CA CYS A 698 1.34 -16.89 0.72
C CYS A 698 1.87 -15.95 1.83
N ALA A 699 2.95 -16.35 2.48
CA ALA A 699 3.48 -15.53 3.58
C ALA A 699 4.05 -14.24 3.00
N ILE A 700 4.74 -14.35 1.86
CA ILE A 700 5.29 -13.17 1.20
C ILE A 700 4.19 -12.19 0.72
N ILE A 701 3.07 -12.69 0.19
CA ILE A 701 2.00 -11.80 -0.24
C ILE A 701 1.40 -11.06 1.00
N ILE A 702 1.20 -11.81 2.08
CA ILE A 702 0.54 -11.25 3.27
C ILE A 702 1.50 -10.28 3.96
N TRP A 703 2.81 -10.61 4.00
CA TRP A 703 3.81 -9.68 4.56
C TRP A 703 3.84 -8.37 3.75
N THR A 704 3.85 -8.51 2.43
CA THR A 704 3.83 -7.36 1.52
C THR A 704 2.62 -6.43 1.70
N ALA A 705 1.44 -7.03 1.84
CA ALA A 705 0.19 -6.29 1.93
C ALA A 705 -0.01 -5.66 3.29
N SER A 706 0.64 -6.20 4.30
CA SER A 706 0.30 -5.84 5.64
C SER A 706 1.51 -5.09 6.21
N ALA A 707 2.43 -5.81 6.82
CA ALA A 707 3.53 -5.17 7.52
C ALA A 707 4.52 -4.33 6.69
N LEU A 708 4.78 -4.74 5.44
CA LEU A 708 5.79 -4.04 4.66
C LEU A 708 5.24 -2.71 4.22
N HIS A 709 4.01 -2.72 3.67
CA HIS A 709 3.35 -1.44 3.33
C HIS A 709 3.17 -0.56 4.58
N ALA A 710 2.78 -1.13 5.72
CA ALA A 710 2.59 -0.27 6.90
C ALA A 710 3.94 0.42 7.28
N ALA A 711 5.02 -0.36 7.31
CA ALA A 711 6.32 0.14 7.74
C ALA A 711 6.83 1.29 6.88
N VAL A 712 6.57 1.20 5.57
CA VAL A 712 7.05 2.20 4.65
C VAL A 712 6.04 3.35 4.46
N ASN A 713 4.81 3.16 4.93
CA ASN A 713 3.77 4.13 4.67
C ASN A 713 3.47 5.00 5.85
N PHE A 714 3.21 4.40 7.03
CA PHE A 714 2.67 5.16 8.14
C PHE A 714 3.64 6.16 8.86
N GLY A 715 4.93 6.14 8.50
CA GLY A 715 5.87 7.10 9.05
C GLY A 715 6.05 8.30 8.11
N GLN A 716 5.32 8.36 6.99
CA GLN A 716 5.53 9.48 6.03
C GLN A 716 5.31 10.88 6.59
N TYR A 717 4.14 11.15 7.21
CA TYR A 717 3.97 12.47 7.83
C TYR A 717 4.79 12.65 9.15
N PRO A 718 4.75 11.68 10.08
CA PRO A 718 5.56 11.84 11.28
C PRO A 718 7.05 12.16 11.03
N TYR A 719 7.72 11.58 10.03
CA TYR A 719 9.13 11.92 9.71
C TYR A 719 9.24 13.03 8.68
N GLY A 720 8.34 13.03 7.70
CA GLY A 720 8.53 13.92 6.58
C GLY A 720 7.51 15.01 6.43
N GLY A 721 6.61 15.14 7.40
CA GLY A 721 5.77 16.32 7.53
C GLY A 721 6.59 17.59 7.78
N LEU A 722 7.85 17.45 8.20
CA LEU A 722 8.79 18.56 8.19
C LEU A 722 9.57 18.39 6.92
N ILE A 723 9.37 19.30 5.95
CA ILE A 723 10.03 19.20 4.62
C ILE A 723 11.55 19.28 4.79
N LEU A 724 12.03 19.95 5.83
CA LEU A 724 13.46 20.11 6.11
C LEU A 724 14.16 18.76 6.36
N ASN A 725 13.42 17.86 6.99
CA ASN A 725 13.94 16.53 7.32
C ASN A 725 13.92 15.52 6.15
N ARG A 726 12.87 15.59 5.33
CA ARG A 726 12.74 14.74 4.15
C ARG A 726 12.38 15.60 2.91
N PRO A 727 13.32 16.40 2.41
CA PRO A 727 13.04 17.16 1.19
C PRO A 727 12.84 16.21 0.02
N THR A 728 11.99 16.60 -0.93
CA THR A 728 11.62 15.70 -2.01
C THR A 728 12.33 15.99 -3.35
N LEU A 729 12.97 17.14 -3.43
CA LEU A 729 13.71 17.47 -4.63
C LEU A 729 14.80 18.46 -4.30
N SER A 730 15.75 18.60 -5.22
CA SER A 730 16.78 19.60 -5.07
C SER A 730 16.87 20.41 -6.37
N ARG A 731 17.32 21.65 -6.22
CA ARG A 731 17.15 22.68 -7.25
C ARG A 731 18.42 23.43 -7.52
N ARG A 732 19.47 23.15 -6.73
CA ARG A 732 20.69 23.90 -6.84
C ARG A 732 21.80 22.92 -6.63
N PHE A 733 22.91 23.12 -7.33
CA PHE A 733 24.09 22.31 -7.11
C PHE A 733 24.79 22.84 -5.87
N MET A 734 25.76 22.09 -5.33
CA MET A 734 26.56 22.53 -4.18
C MET A 734 27.33 23.85 -4.46
N PRO A 735 27.24 24.83 -3.55
CA PRO A 735 27.99 26.08 -3.66
C PRO A 735 29.49 25.81 -3.71
N GLU A 736 30.15 26.48 -4.66
CA GLU A 736 31.57 26.28 -4.90
C GLU A 736 32.34 27.35 -4.16
N LYS A 737 33.52 26.95 -3.65
CA LYS A 737 34.40 27.69 -2.72
C LYS A 737 34.58 29.22 -2.84
N GLY A 738 34.40 29.80 -4.02
CA GLY A 738 34.60 31.24 -4.14
C GLY A 738 33.46 32.01 -4.76
N SER A 739 32.34 31.34 -5.05
CA SER A 739 31.19 32.01 -5.66
C SER A 739 30.37 32.79 -4.65
N ALA A 740 29.33 33.47 -5.14
CA ALA A 740 28.46 34.27 -4.28
C ALA A 740 27.47 33.39 -3.49
N GLU A 741 27.28 32.16 -3.94
CA GLU A 741 26.37 31.23 -3.29
C GLU A 741 27.00 30.69 -2.00
N TYR A 742 28.33 30.63 -1.98
CA TYR A 742 29.09 30.15 -0.84
C TYR A 742 29.08 31.19 0.26
N GLU A 743 29.03 32.46 -0.16
CA GLU A 743 28.97 33.58 0.75
C GLU A 743 27.58 33.73 1.34
N GLU A 744 26.57 33.44 0.54
CA GLU A 744 25.19 33.36 1.02
C GLU A 744 25.05 32.21 2.02
N LEU A 745 25.80 31.14 1.79
CA LEU A 745 25.78 30.00 2.70
C LEU A 745 26.44 30.41 4.01
N ARG A 746 27.49 31.20 3.90
CA ARG A 746 28.20 31.71 5.06
C ARG A 746 27.33 32.66 5.87
N LYS A 747 26.70 33.61 5.20
CA LYS A 747 25.96 34.68 5.87
C LYS A 747 24.58 34.24 6.36
N ASN A 748 23.91 33.39 5.59
CA ASN A 748 22.53 32.99 5.85
C ASN A 748 22.27 31.52 5.39
N PRO A 749 22.78 30.53 6.14
CA PRO A 749 22.71 29.13 5.71
C PRO A 749 21.31 28.53 5.68
N GLN A 750 20.36 29.14 6.37
CA GLN A 750 19.00 28.61 6.35
C GLN A 750 18.40 28.90 4.99
N LYS A 751 18.55 30.14 4.52
CA LYS A 751 18.10 30.54 3.19
C LYS A 751 18.74 29.71 2.06
N ALA A 752 20.04 29.45 2.19
CA ALA A 752 20.73 28.56 1.25
C ALA A 752 20.17 27.13 1.29
N TYR A 753 19.87 26.63 2.49
CA TYR A 753 19.24 25.32 2.61
C TYR A 753 17.89 25.34 1.90
N LEU A 754 17.09 26.34 2.19
CA LEU A 754 15.75 26.42 1.63
C LEU A 754 15.70 26.59 0.12
N LYS A 755 16.63 27.36 -0.46
CA LYS A 755 16.58 27.50 -1.92
C LYS A 755 17.15 26.28 -2.67
N THR A 756 17.70 25.33 -1.92
CA THR A 756 18.21 24.09 -2.47
C THR A 756 17.12 23.04 -2.54
N ILE A 757 16.24 23.01 -1.55
CA ILE A 757 15.25 21.94 -1.47
C ILE A 757 13.88 22.37 -2.01
N THR A 758 12.90 21.48 -1.94
CA THR A 758 11.51 21.68 -2.39
C THR A 758 10.97 23.08 -2.09
N PRO A 759 10.46 23.81 -3.09
CA PRO A 759 9.88 25.14 -2.82
C PRO A 759 8.56 25.07 -2.05
N LYS A 760 8.10 26.23 -1.64
CA LYS A 760 6.95 26.34 -0.80
C LYS A 760 5.72 25.72 -1.40
N PHE A 761 5.45 25.99 -2.69
CA PHE A 761 4.27 25.40 -3.34
C PHE A 761 4.25 23.89 -3.24
N GLN A 762 5.32 23.26 -3.72
CA GLN A 762 5.36 21.79 -3.72
C GLN A 762 5.48 21.20 -2.32
N THR A 763 5.98 21.97 -1.35
CA THR A 763 5.95 21.55 0.04
C THR A 763 4.51 21.38 0.55
N LEU A 764 3.64 22.32 0.17
CA LEU A 764 2.22 22.32 0.57
C LEU A 764 1.41 21.17 -0.03
N ILE A 765 1.69 20.88 -1.29
CA ILE A 765 1.12 19.72 -1.95
C ILE A 765 1.59 18.44 -1.29
N ASP A 766 2.90 18.32 -1.08
CA ASP A 766 3.51 17.13 -0.48
C ASP A 766 2.87 16.82 0.86
N LEU A 767 2.88 17.82 1.73
CA LEU A 767 2.33 17.72 3.08
C LEU A 767 0.86 17.34 3.06
N SER A 768 0.07 17.99 2.22
CA SER A 768 -1.37 17.71 2.11
C SER A 768 -1.62 16.26 1.68
N VAL A 769 -0.79 15.76 0.76
CA VAL A 769 -0.86 14.35 0.32
C VAL A 769 -0.39 13.32 1.40
N ILE A 770 0.79 13.57 1.97
CA ILE A 770 1.32 12.60 2.94
C ILE A 770 0.58 12.64 4.29
N GLU A 771 -0.11 13.74 4.60
CA GLU A 771 -1.01 13.72 5.74
C GLU A 771 -2.20 12.78 5.58
N ILE A 772 -2.70 12.62 4.37
CA ILE A 772 -3.78 11.67 4.11
C ILE A 772 -3.25 10.23 4.11
N LEU A 773 -2.13 10.06 3.41
CA LEU A 773 -1.48 8.75 3.24
C LEU A 773 -1.09 8.16 4.59
N SER A 774 -0.75 9.01 5.55
CA SER A 774 -0.30 8.52 6.85
C SER A 774 -1.44 8.31 7.89
N ARG A 775 -2.67 8.35 7.43
CA ARG A 775 -3.82 8.27 8.34
C ARG A 775 -4.57 6.92 8.23
N HIS A 776 -4.96 6.35 9.38
CA HIS A 776 -5.82 5.19 9.39
C HIS A 776 -7.27 5.64 9.44
N ALA A 777 -8.11 5.10 8.56
CA ALA A 777 -9.55 5.34 8.62
C ALA A 777 -10.09 4.69 9.88
N SER A 778 -11.28 5.13 10.36
CA SER A 778 -11.93 4.58 11.57
C SER A 778 -12.19 3.11 11.46
N ASP A 779 -12.47 2.69 10.24
CA ASP A 779 -12.97 1.36 9.99
C ASP A 779 -11.92 0.47 9.39
N GLU A 780 -10.65 0.84 9.60
CA GLU A 780 -9.48 0.01 9.18
C GLU A 780 -9.62 -1.37 9.85
N VAL A 781 -9.27 -2.39 9.11
CA VAL A 781 -9.26 -3.75 9.63
C VAL A 781 -7.80 -4.17 9.77
N TYR A 782 -7.36 -4.45 10.98
CA TYR A 782 -5.94 -4.65 11.19
C TYR A 782 -5.52 -6.10 11.16
N LEU A 783 -4.21 -6.28 11.05
CA LEU A 783 -3.62 -7.58 10.99
C LEU A 783 -4.04 -8.42 12.17
N GLY A 784 -4.55 -9.57 11.81
CA GLY A 784 -4.42 -10.69 12.67
C GLY A 784 -5.58 -11.16 13.43
N GLU A 785 -6.21 -10.23 14.07
CA GLU A 785 -7.22 -10.63 14.94
C GLU A 785 -8.32 -10.34 14.05
N ARG A 786 -8.07 -9.44 13.09
CA ARG A 786 -9.27 -8.91 12.53
C ARG A 786 -9.60 -9.47 11.20
N ASP A 787 -10.86 -9.85 11.11
CA ASP A 787 -11.50 -10.18 9.86
C ASP A 787 -12.81 -9.44 9.90
N ASN A 788 -13.45 -9.40 8.76
CA ASN A 788 -14.87 -9.09 8.64
C ASN A 788 -15.96 -9.83 9.49
N PRO A 789 -16.16 -11.18 9.50
CA PRO A 789 -17.39 -11.82 10.05
C PRO A 789 -17.39 -13.27 10.68
N ASN A 790 -18.23 -14.18 10.07
CA ASN A 790 -18.37 -15.71 10.14
C ASN A 790 -17.79 -16.40 8.86
N TRP A 791 -16.55 -16.09 8.54
CA TRP A 791 -15.98 -16.33 7.23
C TRP A 791 -15.75 -17.79 6.81
N THR A 792 -15.66 -18.71 7.77
CA THR A 792 -15.65 -20.12 7.46
C THR A 792 -16.37 -20.86 8.59
N SER A 793 -16.89 -22.04 8.29
CA SER A 793 -17.51 -22.86 9.31
C SER A 793 -16.53 -23.93 9.88
N ASP A 794 -15.32 -23.97 9.32
CA ASP A 794 -14.26 -24.83 9.77
C ASP A 794 -13.73 -24.30 11.11
N THR A 795 -14.08 -24.97 12.19
CA THR A 795 -13.64 -24.54 13.52
C THR A 795 -12.12 -24.69 13.72
N ARG A 796 -11.48 -25.54 12.93
CA ARG A 796 -10.03 -25.68 13.05
C ARG A 796 -9.34 -24.42 12.56
N ALA A 797 -9.83 -23.84 11.47
CA ALA A 797 -9.29 -22.62 10.93
C ALA A 797 -9.58 -21.46 11.86
N LEU A 798 -10.76 -21.48 12.49
CA LEU A 798 -11.14 -20.39 13.40
C LEU A 798 -10.22 -20.37 14.59
N GLU A 799 -9.89 -21.56 15.10
CA GLU A 799 -9.01 -21.71 16.24
C GLU A 799 -7.62 -21.26 15.91
N ALA A 800 -7.13 -21.66 14.75
CA ALA A 800 -5.82 -21.26 14.25
C ALA A 800 -5.72 -19.73 14.08
N PHE A 801 -6.77 -19.13 13.52
CA PHE A 801 -6.84 -17.68 13.36
C PHE A 801 -6.87 -16.92 14.70
N LYS A 802 -7.45 -17.56 15.70
CA LYS A 802 -7.50 -16.99 17.03
C LYS A 802 -6.12 -17.01 17.70
N ARG A 803 -5.41 -18.13 17.55
CA ARG A 803 -3.99 -18.27 17.95
C ARG A 803 -3.10 -17.20 17.32
N PHE A 804 -3.35 -16.90 16.05
CA PHE A 804 -2.67 -15.83 15.31
C PHE A 804 -2.92 -14.47 16.00
N GLY A 805 -4.18 -14.17 16.32
CA GLY A 805 -4.55 -12.93 16.99
C GLY A 805 -3.88 -12.77 18.34
N ASN A 806 -3.89 -13.86 19.10
CA ASN A 806 -3.26 -13.93 20.41
C ASN A 806 -1.76 -13.71 20.35
N LYS A 807 -1.08 -14.28 19.36
CA LYS A 807 0.36 -14.07 19.17
C LYS A 807 0.68 -12.59 18.83
N LEU A 808 -0.18 -11.99 18.02
CA LEU A 808 0.02 -10.59 17.67
C LEU A 808 -0.12 -9.67 18.90
N ALA A 809 -1.02 -10.02 19.84
CA ALA A 809 -1.25 -9.24 21.03
C ALA A 809 -0.06 -9.38 21.96
N GLN A 810 0.53 -10.59 22.01
CA GLN A 810 1.76 -10.86 22.76
C GLN A 810 2.93 -10.09 22.18
N ILE A 811 2.98 -10.02 20.84
CA ILE A 811 4.04 -9.30 20.13
C ILE A 811 3.89 -7.81 20.34
N GLU A 812 2.66 -7.34 20.47
CA GLU A 812 2.45 -5.93 20.71
C GLU A 812 3.06 -5.51 22.09
N ASN A 813 2.90 -6.35 23.09
CA ASN A 813 3.44 -6.11 24.41
C ASN A 813 4.97 -6.14 24.41
N LYS A 814 5.55 -7.13 23.72
CA LYS A 814 6.99 -7.24 23.60
C LYS A 814 7.60 -6.02 22.88
N LEU A 815 6.90 -5.53 21.88
CA LEU A 815 7.41 -4.42 21.08
C LEU A 815 7.39 -3.13 21.90
N SER A 816 6.30 -2.89 22.61
CA SER A 816 6.19 -1.76 23.52
C SER A 816 7.24 -1.75 24.63
N GLU A 817 7.56 -2.93 25.15
CA GLU A 817 8.61 -3.08 26.17
C GLU A 817 10.03 -2.69 25.64
N ARG A 818 10.31 -3.03 24.38
CA ARG A 818 11.57 -2.66 23.72
C ARG A 818 11.69 -1.16 23.59
N ASN A 819 10.55 -0.48 23.42
CA ASN A 819 10.53 0.99 23.36
C ASN A 819 10.90 1.66 24.68
N ASN A 820 10.70 0.95 25.80
CA ASN A 820 11.11 1.44 27.12
C ASN A 820 12.48 0.98 27.59
N ASP A 821 13.21 0.37 26.68
CA ASP A 821 14.54 -0.11 26.97
C ASP A 821 15.51 1.00 26.65
N GLU A 822 16.24 1.47 27.66
CA GLU A 822 17.16 2.57 27.50
C GLU A 822 18.45 2.20 26.74
N LYS A 823 18.79 0.92 26.70
CA LYS A 823 19.95 0.43 25.94
C LYS A 823 19.74 0.46 24.43
N LEU A 824 18.48 0.51 24.00
CA LEU A 824 18.18 0.55 22.56
C LEU A 824 17.93 1.95 22.01
N ARG A 825 19.02 2.67 21.76
CA ARG A 825 18.96 4.09 21.36
C ARG A 825 18.42 4.33 19.95
N ASN A 826 18.53 3.32 19.07
CA ASN A 826 18.02 3.47 17.70
C ASN A 826 16.49 3.43 17.62
N ARG A 827 15.87 2.99 18.70
CA ARG A 827 14.41 2.91 18.77
C ARG A 827 13.77 4.27 18.89
N CYS A 828 14.49 5.21 19.50
CA CYS A 828 13.95 6.54 19.83
C CYS A 828 14.72 7.71 19.21
N GLY A 829 16.05 7.71 19.34
CA GLY A 829 16.90 8.75 18.78
C GLY A 829 16.88 10.06 19.55
N PRO A 830 17.61 11.09 19.07
CA PRO A 830 17.67 12.42 19.76
C PRO A 830 16.35 13.16 19.59
N VAL A 831 15.56 12.62 18.68
CA VAL A 831 14.29 13.10 18.25
C VAL A 831 13.16 12.56 19.19
N GLN A 832 13.53 11.56 20.02
CA GLN A 832 12.67 10.90 21.01
C GLN A 832 11.30 10.47 20.45
N MET A 833 11.39 9.68 19.40
CA MET A 833 10.26 9.13 18.69
C MET A 833 10.30 7.60 18.76
N PRO A 834 9.71 6.99 19.80
CA PRO A 834 9.67 5.52 19.93
C PRO A 834 9.11 4.84 18.68
N TYR A 835 9.83 3.86 18.17
CA TYR A 835 9.45 3.20 16.91
C TYR A 835 8.25 2.29 17.11
N THR A 836 7.06 2.71 16.64
CA THR A 836 5.82 2.01 16.93
C THR A 836 5.14 1.60 15.64
N LEU A 837 5.86 1.78 14.53
CA LEU A 837 5.34 1.44 13.21
C LEU A 837 4.87 -0.03 13.00
N LEU A 838 5.43 -0.96 13.76
CA LEU A 838 5.07 -2.35 13.58
C LEU A 838 4.21 -2.87 14.73
N LEU A 839 3.65 -1.94 15.50
CA LEU A 839 2.64 -2.29 16.49
C LEU A 839 1.36 -2.56 15.71
N PRO A 840 0.82 -3.77 15.86
CA PRO A 840 -0.27 -4.28 15.01
C PRO A 840 -1.57 -3.49 15.08
N SER A 841 -1.97 -3.02 16.27
CA SER A 841 -3.24 -2.33 16.46
C SER A 841 -3.08 -0.81 16.52
N SER A 842 -4.14 -0.11 16.15
CA SER A 842 -4.18 1.36 16.26
C SER A 842 -5.60 1.90 16.36
N LYS A 843 -5.72 3.12 16.90
CA LYS A 843 -6.91 3.95 16.73
C LYS A 843 -6.81 4.64 15.37
N GLU A 844 -7.83 5.43 15.04
CA GLU A 844 -7.84 6.18 13.77
C GLU A 844 -6.92 7.39 13.83
N GLY A 845 -6.57 7.91 12.67
CA GLY A 845 -5.79 9.14 12.61
C GLY A 845 -4.32 8.95 12.30
N LEU A 846 -3.50 9.94 12.66
CA LEU A 846 -2.09 9.95 12.33
C LEU A 846 -1.38 9.33 13.52
N THR A 847 -1.36 8.01 13.62
CA THR A 847 -0.88 7.44 14.85
C THR A 847 0.45 6.99 14.41
N PHE A 848 1.37 6.58 15.24
CA PHE A 848 2.56 6.28 14.33
C PHE A 848 2.71 4.73 14.34
N ARG A 849 1.60 4.05 14.07
CA ARG A 849 1.43 2.62 14.42
C ARG A 849 0.27 1.95 13.67
N GLY A 850 0.07 0.64 13.90
CA GLY A 850 -1.06 -0.03 13.28
C GLY A 850 -0.68 -0.71 11.99
N ILE A 851 -0.84 -2.02 11.92
CA ILE A 851 -0.67 -2.75 10.64
C ILE A 851 -2.02 -3.20 10.06
N PRO A 852 -2.52 -2.52 9.04
CA PRO A 852 -3.70 -3.01 8.32
C PRO A 852 -3.44 -4.40 7.67
N ASN A 853 -4.52 -5.13 7.43
CA ASN A 853 -4.42 -6.37 6.64
C ASN A 853 -3.92 -6.13 5.23
N SER A 854 -4.31 -4.99 4.63
CA SER A 854 -4.10 -4.80 3.20
C SER A 854 -3.50 -3.45 2.88
N ILE A 855 -3.14 -3.27 1.62
CA ILE A 855 -2.74 -1.95 1.15
C ILE A 855 -4.03 -1.23 0.87
N SER A 856 -4.43 -0.34 1.78
CA SER A 856 -5.71 0.33 1.71
C SER A 856 -5.61 1.81 1.44
N ILE A 857 -4.39 2.33 1.38
CA ILE A 857 -4.15 3.77 1.28
C ILE A 857 -2.71 3.98 0.82
FE FE2 B . 0.14 3.24 0.01
#